data_2ZYI
#
_entry.id   2ZYI
#
_cell.length_a   89.445
_cell.length_b   105.375
_cell.length_c   117.002
_cell.angle_alpha   90.00
_cell.angle_beta   90.00
_cell.angle_gamma   90.00
#
_symmetry.space_group_name_H-M   'P 21 21 21'
#
loop_
_entity.id
_entity.type
_entity.pdbx_description
1 polymer 'Lipase, putative'
2 non-polymer 'STEARIC ACID'
3 non-polymer 'CALCIUM ION'
4 water water
#
_entity_poly.entity_id   1
_entity_poly.type   'polypeptide(L)'
_entity_poly.pdbx_seq_one_letter_code
;MRGLAVLVLLVFAVQVAAAEDFRPVVFVHGLAGSAGQFESQGMRFAANGYPAEYVKTFEYDTISWALVVETDMLFSGLGS
EFGLNISQIIDPETLDKILSKSRERLIDETFSRLDRVIDEALAESGADKVDLVGHSMGTFFLVRYVNSSPERAAKVAHLI
LLDGVWGVDAPEGIPTLAVFGNPKALPALGLPEEKVVYNATNVYFNNMTHVQLCTSPETFAVMFEFINGYKPATTDIVPQ
DGDYVKVKGKFLAFATNGDVSGWLSIYPIDENGKRLTRLPVKFMRVKGDFEVRLRKGQLYEFQFRKDFSPIIYHYYRAPF
VRDDLWARFLVSKPPLDVELLILPERLSPAAKETSGLLLIRYKEMIGEYDEEIGGVDEVYVNGVNVCTERICPIERAVNG
LWVFDRGADGKSDLDREVVRYSIMPFMSAADLVVPAEGTISIAVKSRTGGEESFTIPAWSADRHSIIVQFSDYIV
;
_entity_poly.pdbx_strand_id   A,B
#
loop_
_chem_comp.id
_chem_comp.type
_chem_comp.name
_chem_comp.formula
CA non-polymer 'CALCIUM ION' 'Ca 2'
STE non-polymer 'STEARIC ACID' 'C18 H36 O2'
#
# COMPACT_ATOMS: atom_id res chain seq x y z
N GLU A 20 19.91 8.76 23.07
CA GLU A 20 20.39 8.07 24.30
C GLU A 20 20.22 6.55 24.24
N ASP A 21 18.98 6.11 24.06
CA ASP A 21 18.73 4.68 23.97
C ASP A 21 18.44 4.39 22.51
N PHE A 22 19.22 5.02 21.63
CA PHE A 22 19.09 4.85 20.19
C PHE A 22 20.31 4.12 19.66
N ARG A 23 20.12 3.45 18.54
CA ARG A 23 21.19 2.73 17.84
C ARG A 23 21.67 3.59 16.68
N PRO A 24 22.90 3.38 16.23
CA PRO A 24 23.38 4.17 15.10
C PRO A 24 22.70 3.65 13.83
N VAL A 25 22.56 4.51 12.86
CA VAL A 25 21.97 4.08 11.63
C VAL A 25 23.06 4.43 10.59
N VAL A 26 23.24 3.55 9.63
CA VAL A 26 24.20 3.79 8.56
C VAL A 26 23.44 3.61 7.22
N PHE A 27 23.53 4.64 6.38
CA PHE A 27 22.86 4.67 5.10
C PHE A 27 23.84 4.48 3.98
N VAL A 28 23.44 3.66 3.00
CA VAL A 28 24.21 3.34 1.82
C VAL A 28 23.42 3.82 0.59
N HIS A 29 23.96 4.79 -0.13
CA HIS A 29 23.26 5.32 -1.30
C HIS A 29 23.30 4.44 -2.54
N GLY A 30 22.59 4.92 -3.57
CA GLY A 30 22.52 4.19 -4.83
C GLY A 30 23.45 4.72 -5.90
N LEU A 31 23.21 4.32 -7.13
CA LEU A 31 24.06 4.73 -8.22
C LEU A 31 23.95 6.23 -8.46
N ALA A 32 25.08 6.91 -8.62
CA ALA A 32 25.13 8.37 -8.82
C ALA A 32 24.59 9.12 -7.56
N GLY A 33 24.49 8.45 -6.42
CA GLY A 33 24.01 9.11 -5.23
C GLY A 33 25.15 9.37 -4.24
N SER A 34 24.82 9.90 -3.07
CA SER A 34 25.80 10.24 -2.03
C SER A 34 25.02 10.43 -0.73
N ALA A 35 25.75 10.75 0.34
CA ALA A 35 25.12 11.00 1.61
C ALA A 35 24.06 12.10 1.47
N GLY A 36 24.16 12.91 0.43
CA GLY A 36 23.16 13.97 0.25
C GLY A 36 21.71 13.47 0.31
N GLN A 37 21.48 12.24 -0.13
CA GLN A 37 20.14 11.74 -0.09
C GLN A 37 19.65 11.38 1.33
N PHE A 38 20.53 11.45 2.33
CA PHE A 38 20.05 11.11 3.67
C PHE A 38 20.17 12.31 4.58
N GLU A 39 20.58 13.42 4.00
CA GLU A 39 20.76 14.67 4.73
C GLU A 39 19.52 15.11 5.50
N SER A 40 18.38 15.11 4.83
CA SER A 40 17.17 15.52 5.52
C SER A 40 16.76 14.45 6.55
N GLN A 41 16.92 13.16 6.22
CA GLN A 41 16.52 12.16 7.23
C GLN A 41 17.43 12.27 8.45
N GLY A 42 18.68 12.67 8.25
CA GLY A 42 19.61 12.81 9.35
C GLY A 42 19.10 13.89 10.28
N MET A 43 18.68 15.02 9.71
CA MET A 43 18.15 16.10 10.52
C MET A 43 16.86 15.67 11.25
N ARG A 44 16.04 14.88 10.57
CA ARG A 44 14.82 14.39 11.19
C ARG A 44 15.14 13.46 12.36
N PHE A 45 16.14 12.58 12.21
CA PHE A 45 16.50 11.69 13.32
C PHE A 45 16.98 12.48 14.53
N ALA A 46 17.79 13.51 14.27
CA ALA A 46 18.29 14.38 15.31
C ALA A 46 17.17 15.19 15.97
N ALA A 47 16.23 15.72 15.18
CA ALA A 47 15.09 16.46 15.77
C ALA A 47 14.25 15.51 16.67
N ASN A 48 14.43 14.20 16.56
CA ASN A 48 13.72 13.24 17.38
C ASN A 48 14.64 12.63 18.43
N GLY A 49 15.67 13.38 18.83
CA GLY A 49 16.53 12.90 19.90
C GLY A 49 17.76 12.10 19.59
N TYR A 50 17.98 11.70 18.35
CA TYR A 50 19.22 10.98 18.05
C TYR A 50 20.36 11.99 18.12
N PRO A 51 21.55 11.59 18.63
CA PRO A 51 22.70 12.50 18.67
C PRO A 51 23.02 12.49 17.16
N ALA A 52 23.18 13.66 16.53
CA ALA A 52 23.44 13.71 15.08
C ALA A 52 24.55 12.77 14.61
N GLU A 53 25.55 12.58 15.44
CA GLU A 53 26.66 11.71 15.08
C GLU A 53 26.31 10.21 14.96
N TYR A 54 25.16 9.80 15.50
CA TYR A 54 24.74 8.40 15.39
C TYR A 54 24.21 8.07 13.98
N VAL A 55 24.01 9.09 13.14
CA VAL A 55 23.53 8.83 11.82
C VAL A 55 24.76 8.93 10.93
N LYS A 56 25.13 7.82 10.30
CA LYS A 56 26.32 7.77 9.45
C LYS A 56 25.96 7.43 8.02
N THR A 57 26.84 7.79 7.10
CA THR A 57 26.61 7.41 5.72
C THR A 57 27.87 6.68 5.25
N PHE A 58 27.70 5.84 4.25
CA PHE A 58 28.84 5.13 3.67
C PHE A 58 28.84 5.52 2.22
N GLU A 59 29.89 6.15 1.75
CA GLU A 59 29.98 6.52 0.34
C GLU A 59 31.02 5.65 -0.41
N TYR A 60 30.68 5.33 -1.65
CA TYR A 60 31.57 4.49 -2.42
C TYR A 60 31.40 4.84 -3.89
N ASP A 61 32.32 4.34 -4.69
CA ASP A 61 32.32 4.63 -6.10
C ASP A 61 31.29 3.76 -6.82
N THR A 62 30.20 4.39 -7.26
CA THR A 62 29.14 3.65 -7.89
C THR A 62 29.33 3.21 -9.33
N ILE A 63 30.22 3.89 -10.06
CA ILE A 63 30.45 3.53 -11.45
C ILE A 63 31.15 2.17 -11.42
N SER A 64 32.25 2.06 -10.67
CA SER A 64 32.93 0.77 -10.53
C SER A 64 32.04 -0.31 -9.87
N TRP A 65 31.29 0.05 -8.84
CA TRP A 65 30.53 -0.98 -8.17
C TRP A 65 29.59 -1.62 -9.14
N ALA A 66 28.89 -0.77 -9.91
CA ALA A 66 27.89 -1.24 -10.86
C ALA A 66 28.47 -2.03 -12.00
N LEU A 67 29.61 -1.58 -12.54
CA LEU A 67 30.23 -2.27 -13.67
C LEU A 67 30.93 -3.60 -13.32
N VAL A 68 31.45 -3.69 -12.12
CA VAL A 68 32.18 -4.87 -11.71
C VAL A 68 31.35 -5.79 -10.84
N VAL A 69 30.45 -5.24 -10.03
CA VAL A 69 29.70 -6.10 -9.14
C VAL A 69 28.26 -6.31 -9.54
N GLU A 70 27.55 -5.21 -9.80
CA GLU A 70 26.13 -5.29 -10.16
C GLU A 70 25.93 -5.33 -11.66
N THR A 71 26.83 -5.99 -12.38
CA THR A 71 26.69 -6.02 -13.83
C THR A 71 25.27 -6.46 -14.23
N ASP A 72 24.77 -7.51 -13.56
CA ASP A 72 23.43 -8.05 -13.79
C ASP A 72 22.33 -7.01 -13.68
N MET A 73 22.29 -6.32 -12.55
CA MET A 73 21.29 -5.30 -12.34
C MET A 73 21.41 -4.25 -13.44
N LEU A 74 22.65 -3.97 -13.83
CA LEU A 74 22.97 -2.98 -14.81
C LEU A 74 22.44 -3.21 -16.21
N PHE A 75 22.62 -4.42 -16.74
CA PHE A 75 22.19 -4.76 -18.11
C PHE A 75 21.14 -5.84 -18.30
N SER A 76 21.05 -6.76 -17.35
CA SER A 76 20.09 -7.83 -17.49
C SER A 76 19.00 -7.64 -16.44
N GLY A 77 18.83 -6.39 -16.01
CA GLY A 77 17.82 -6.09 -15.02
C GLY A 77 17.41 -4.64 -14.75
N LEU A 78 17.53 -4.26 -13.49
CA LEU A 78 17.11 -2.96 -13.00
C LEU A 78 17.63 -1.64 -13.55
N GLY A 79 18.95 -1.41 -13.46
CA GLY A 79 19.52 -0.15 -13.94
C GLY A 79 19.85 -0.02 -15.42
N SER A 80 18.97 -0.59 -16.26
CA SER A 80 19.12 -0.56 -17.71
C SER A 80 19.41 0.83 -18.22
N GLU A 81 18.89 1.83 -17.53
CA GLU A 81 19.12 3.19 -17.93
C GLU A 81 20.58 3.62 -17.85
N PHE A 82 21.29 3.30 -16.76
CA PHE A 82 22.69 3.70 -16.79
C PHE A 82 23.42 2.81 -17.74
N GLY A 83 23.16 1.50 -17.65
CA GLY A 83 23.82 0.56 -18.54
C GLY A 83 23.84 1.03 -19.99
N LEU A 84 22.69 1.47 -20.45
CA LEU A 84 22.47 1.95 -21.82
C LEU A 84 23.43 3.07 -22.23
N ASN A 85 23.68 4.01 -21.31
CA ASN A 85 24.55 5.12 -21.62
C ASN A 85 25.87 5.03 -20.88
N ILE A 86 26.36 3.81 -20.67
CA ILE A 86 27.64 3.63 -20.00
C ILE A 86 28.70 3.79 -21.06
N SER A 87 28.45 3.18 -22.21
CA SER A 87 29.37 3.21 -23.32
C SER A 87 29.51 4.63 -23.85
N GLN A 88 28.45 5.42 -23.72
CA GLN A 88 28.46 6.79 -24.22
C GLN A 88 29.13 7.79 -23.29
N ILE A 89 28.94 7.62 -21.99
CA ILE A 89 29.50 8.53 -21.00
C ILE A 89 30.94 8.22 -20.58
N ILE A 90 31.46 7.05 -20.93
CA ILE A 90 32.80 6.71 -20.53
C ILE A 90 33.77 6.25 -21.62
N ASP A 91 34.98 6.76 -21.50
CA ASP A 91 36.09 6.47 -22.40
C ASP A 91 36.26 4.94 -22.52
N PRO A 92 36.07 4.38 -23.74
CA PRO A 92 36.21 2.93 -24.00
C PRO A 92 37.46 2.29 -23.39
N GLU A 93 38.50 3.11 -23.21
CA GLU A 93 39.76 2.65 -22.63
C GLU A 93 39.62 2.68 -21.12
N THR A 94 39.04 3.76 -20.63
CA THR A 94 38.80 3.95 -19.21
C THR A 94 37.92 2.82 -18.67
N LEU A 95 36.95 2.43 -19.47
CA LEU A 95 36.03 1.37 -19.13
C LEU A 95 36.79 0.03 -19.08
N ASP A 96 37.84 -0.06 -19.89
CA ASP A 96 38.68 -1.26 -19.94
C ASP A 96 39.37 -1.39 -18.56
N LYS A 97 39.89 -0.27 -18.05
CA LYS A 97 40.55 -0.25 -16.75
C LYS A 97 39.62 -0.70 -15.63
N ILE A 98 38.44 -0.13 -15.62
CA ILE A 98 37.50 -0.48 -14.59
C ILE A 98 37.11 -1.94 -14.71
N LEU A 99 36.85 -2.38 -15.95
CA LEU A 99 36.45 -3.78 -16.14
C LEU A 99 37.60 -4.75 -15.96
N SER A 100 38.83 -4.24 -15.87
CA SER A 100 39.97 -5.11 -15.65
C SER A 100 39.94 -5.55 -14.18
N LYS A 101 39.60 -4.59 -13.32
CA LYS A 101 39.52 -4.80 -11.87
C LYS A 101 38.83 -6.10 -11.47
N SER A 102 39.37 -6.73 -10.43
CA SER A 102 38.84 -7.98 -9.89
C SER A 102 37.61 -7.79 -8.98
N ARG A 103 36.55 -8.51 -9.31
CA ARG A 103 35.31 -8.49 -8.58
C ARG A 103 35.47 -8.80 -7.09
N GLU A 104 36.02 -9.97 -6.76
CA GLU A 104 36.21 -10.33 -5.36
C GLU A 104 37.09 -9.39 -4.56
N ARG A 105 38.11 -8.85 -5.20
CA ARG A 105 38.97 -7.92 -4.49
C ARG A 105 38.14 -6.66 -4.16
N LEU A 106 37.47 -6.14 -5.17
CA LEU A 106 36.63 -4.96 -5.00
C LEU A 106 35.59 -5.16 -3.88
N ILE A 107 34.93 -6.32 -3.85
CA ILE A 107 33.92 -6.56 -2.85
C ILE A 107 34.49 -6.59 -1.46
N ASP A 108 35.54 -7.39 -1.27
CA ASP A 108 36.19 -7.49 0.04
C ASP A 108 36.71 -6.16 0.54
N GLU A 109 37.36 -5.41 -0.33
CA GLU A 109 37.87 -4.13 0.11
C GLU A 109 36.78 -3.12 0.44
N THR A 110 35.66 -3.19 -0.28
CA THR A 110 34.58 -2.26 0.03
C THR A 110 33.83 -2.70 1.32
N PHE A 111 33.60 -4.02 1.45
CA PHE A 111 32.93 -4.53 2.65
C PHE A 111 33.76 -4.29 3.90
N SER A 112 35.08 -4.30 3.77
CA SER A 112 35.93 -4.11 4.97
C SER A 112 35.88 -2.70 5.38
N ARG A 113 35.76 -1.79 4.42
CA ARG A 113 35.63 -0.38 4.72
C ARG A 113 34.27 -0.17 5.41
N LEU A 114 33.21 -0.78 4.92
CA LEU A 114 31.94 -0.61 5.63
C LEU A 114 32.01 -1.20 7.06
N ASP A 115 32.70 -2.33 7.23
CA ASP A 115 32.90 -2.96 8.55
C ASP A 115 33.51 -1.94 9.51
N ARG A 116 34.44 -1.14 8.99
CA ARG A 116 35.11 -0.11 9.80
C ARG A 116 34.16 1.03 10.23
N VAL A 117 33.27 1.43 9.32
CA VAL A 117 32.30 2.48 9.63
C VAL A 117 31.35 1.94 10.70
N ILE A 118 30.92 0.70 10.51
CA ILE A 118 29.99 0.12 11.46
C ILE A 118 30.62 0.00 12.84
N ASP A 119 31.82 -0.59 12.90
CA ASP A 119 32.52 -0.73 14.17
C ASP A 119 32.79 0.61 14.85
N GLU A 120 33.09 1.63 14.09
CA GLU A 120 33.32 2.91 14.77
C GLU A 120 32.05 3.47 15.35
N ALA A 121 30.92 3.17 14.70
CA ALA A 121 29.61 3.62 15.15
C ALA A 121 29.24 2.87 16.44
N LEU A 122 29.62 1.60 16.51
CA LEU A 122 29.34 0.78 17.70
C LEU A 122 30.17 1.21 18.90
N ALA A 123 31.46 1.46 18.69
CA ALA A 123 32.32 1.87 19.81
C ALA A 123 31.85 3.21 20.38
N GLU A 124 31.58 4.14 19.47
CA GLU A 124 31.15 5.49 19.78
C GLU A 124 29.83 5.62 20.56
N SER A 125 28.94 4.66 20.41
CA SER A 125 27.63 4.68 21.05
C SER A 125 27.44 3.55 22.07
N GLY A 126 28.42 2.66 22.14
CA GLY A 126 28.30 1.55 23.07
C GLY A 126 27.28 0.51 22.62
N ALA A 127 26.48 0.85 21.60
CA ALA A 127 25.47 -0.09 21.09
C ALA A 127 26.12 -1.38 20.57
N ASP A 128 25.35 -2.45 20.50
CA ASP A 128 25.88 -3.74 20.04
C ASP A 128 25.54 -4.01 18.57
N LYS A 129 24.60 -3.25 18.03
CA LYS A 129 24.21 -3.40 16.63
C LYS A 129 23.78 -2.05 16.08
N VAL A 130 23.71 -1.97 14.74
CA VAL A 130 23.33 -0.77 14.06
C VAL A 130 22.16 -1.08 13.14
N ASP A 131 21.50 -0.02 12.68
CA ASP A 131 20.43 -0.20 11.69
C ASP A 131 21.07 0.17 10.34
N LEU A 132 20.75 -0.55 9.28
CA LEU A 132 21.35 -0.21 8.00
C LEU A 132 20.23 0.22 7.04
N VAL A 133 20.48 1.19 6.18
CA VAL A 133 19.44 1.61 5.25
C VAL A 133 20.08 1.75 3.87
N GLY A 134 19.45 1.14 2.87
CA GLY A 134 19.99 1.28 1.53
C GLY A 134 18.90 1.85 0.61
N HIS A 135 19.32 2.58 -0.43
CA HIS A 135 18.39 3.11 -1.40
C HIS A 135 18.89 2.68 -2.76
N SER A 136 17.96 2.16 -3.57
CA SER A 136 18.24 1.74 -4.94
C SER A 136 19.44 0.73 -5.02
N MET A 137 20.54 1.05 -5.74
CA MET A 137 21.63 0.07 -5.80
C MET A 137 22.19 -0.26 -4.39
N GLY A 138 22.05 0.68 -3.47
CA GLY A 138 22.51 0.45 -2.11
C GLY A 138 21.83 -0.76 -1.48
N THR A 139 20.61 -1.10 -1.93
CA THR A 139 19.93 -2.25 -1.33
C THR A 139 20.62 -3.56 -1.81
N PHE A 140 21.06 -3.61 -3.07
CA PHE A 140 21.76 -4.80 -3.58
C PHE A 140 23.05 -4.94 -2.79
N PHE A 141 23.70 -3.80 -2.60
CA PHE A 141 24.96 -3.71 -1.87
C PHE A 141 24.77 -4.27 -0.47
N LEU A 142 23.82 -3.73 0.28
CA LEU A 142 23.61 -4.19 1.65
C LEU A 142 23.14 -5.63 1.77
N VAL A 143 22.42 -6.15 0.78
CA VAL A 143 21.98 -7.53 0.92
C VAL A 143 23.17 -8.49 0.75
N ARG A 144 24.06 -8.16 -0.17
CA ARG A 144 25.24 -8.96 -0.35
C ARG A 144 26.08 -8.80 0.92
N TYR A 145 26.16 -7.57 1.42
CA TYR A 145 26.95 -7.32 2.64
C TYR A 145 26.51 -8.15 3.85
N VAL A 146 25.22 -8.07 4.19
CA VAL A 146 24.74 -8.81 5.35
C VAL A 146 24.81 -10.36 5.20
N ASN A 147 24.75 -10.83 3.95
CA ASN A 147 24.81 -12.26 3.65
C ASN A 147 26.25 -12.76 3.51
N SER A 148 27.23 -11.86 3.49
CA SER A 148 28.59 -12.36 3.24
C SER A 148 29.25 -13.08 4.41
N SER A 149 28.77 -12.84 5.62
CA SER A 149 29.31 -13.54 6.80
C SER A 149 28.42 -13.45 8.01
N PRO A 150 28.42 -14.49 8.85
CA PRO A 150 27.59 -14.53 10.06
C PRO A 150 28.06 -13.39 10.99
N GLU A 151 29.36 -13.13 10.96
CA GLU A 151 29.96 -12.07 11.79
C GLU A 151 29.39 -10.68 11.46
N ARG A 152 29.20 -10.40 10.18
CA ARG A 152 28.64 -9.11 9.81
C ARG A 152 27.14 -9.01 10.15
N ALA A 153 26.37 -10.06 9.89
CA ALA A 153 24.95 -10.02 10.18
C ALA A 153 24.66 -9.82 11.68
N ALA A 154 25.49 -10.41 12.53
CA ALA A 154 25.27 -10.31 13.98
C ALA A 154 25.30 -8.88 14.50
N LYS A 155 25.79 -7.98 13.68
CA LYS A 155 25.88 -6.62 14.12
C LYS A 155 24.75 -5.76 13.57
N VAL A 156 23.78 -6.37 12.86
CA VAL A 156 22.67 -5.60 12.29
C VAL A 156 21.36 -5.82 13.00
N ALA A 157 20.81 -4.75 13.58
CA ALA A 157 19.52 -4.90 14.27
C ALA A 157 18.33 -4.85 13.30
N HIS A 158 18.44 -4.05 12.26
CA HIS A 158 17.34 -3.89 11.29
C HIS A 158 17.90 -3.53 9.93
N LEU A 159 17.27 -4.03 8.87
CA LEU A 159 17.69 -3.73 7.52
C LEU A 159 16.51 -3.05 6.81
N ILE A 160 16.78 -1.91 6.21
CA ILE A 160 15.77 -1.13 5.46
C ILE A 160 16.20 -1.00 4.00
N LEU A 161 15.39 -1.56 3.11
CA LEU A 161 15.64 -1.55 1.66
C LEU A 161 14.64 -0.59 0.96
N LEU A 162 15.15 0.58 0.57
CA LEU A 162 14.30 1.59 -0.09
C LEU A 162 14.36 1.57 -1.62
N ASP A 163 13.22 1.23 -2.20
CA ASP A 163 13.03 1.22 -3.66
C ASP A 163 14.16 0.63 -4.50
N GLY A 164 14.59 -0.54 -4.09
CA GLY A 164 15.67 -1.19 -4.81
C GLY A 164 15.27 -2.58 -5.15
N VAL A 165 16.15 -3.50 -4.81
CA VAL A 165 16.04 -4.94 -5.02
C VAL A 165 14.66 -5.49 -4.61
N TRP A 166 14.14 -6.41 -5.41
CA TRP A 166 12.89 -7.11 -5.08
C TRP A 166 13.07 -8.51 -5.62
N GLY A 167 12.21 -9.44 -5.19
CA GLY A 167 12.32 -10.79 -5.69
C GLY A 167 13.42 -11.66 -5.10
N VAL A 168 13.93 -11.28 -3.91
CA VAL A 168 14.95 -12.07 -3.24
C VAL A 168 14.62 -12.17 -1.74
N ASP A 169 15.32 -13.08 -1.05
CA ASP A 169 15.10 -13.28 0.36
C ASP A 169 15.77 -12.22 1.18
N ALA A 170 15.09 -11.84 2.25
CA ALA A 170 15.61 -10.90 3.19
C ALA A 170 16.68 -11.72 3.91
N PRO A 171 17.74 -11.06 4.38
CA PRO A 171 18.79 -11.79 5.08
C PRO A 171 18.17 -12.58 6.21
N GLU A 172 18.72 -13.77 6.45
CA GLU A 172 18.26 -14.68 7.48
C GLU A 172 18.32 -14.12 8.90
N GLY A 173 17.18 -14.11 9.61
CA GLY A 173 17.20 -13.60 10.99
C GLY A 173 17.37 -12.09 11.18
N ILE A 174 17.25 -11.30 10.11
CA ILE A 174 17.41 -9.85 10.27
C ILE A 174 16.10 -9.18 9.91
N PRO A 175 15.45 -8.51 10.86
CA PRO A 175 14.17 -7.83 10.59
C PRO A 175 14.46 -6.89 9.44
N THR A 176 13.75 -7.07 8.35
CA THR A 176 13.96 -6.25 7.20
C THR A 176 12.66 -5.59 6.79
N LEU A 177 12.77 -4.39 6.25
CA LEU A 177 11.60 -3.64 5.77
C LEU A 177 12.00 -3.13 4.39
N ALA A 178 11.14 -3.43 3.39
CA ALA A 178 11.31 -2.97 2.02
C ALA A 178 10.18 -1.95 1.72
N VAL A 179 10.54 -0.79 1.21
CA VAL A 179 9.56 0.23 0.92
C VAL A 179 9.69 0.53 -0.57
N PHE A 180 8.58 0.44 -1.28
CA PHE A 180 8.57 0.66 -2.71
C PHE A 180 7.69 1.86 -3.09
N GLY A 181 8.11 2.58 -4.14
CA GLY A 181 7.40 3.75 -4.59
C GLY A 181 6.69 3.53 -5.92
N ASN A 182 6.26 4.60 -6.58
CA ASN A 182 5.59 4.44 -7.86
C ASN A 182 6.52 3.85 -8.93
N PRO A 183 6.14 2.73 -9.54
CA PRO A 183 6.99 2.10 -10.56
C PRO A 183 7.26 2.84 -11.88
N LYS A 184 6.32 3.69 -12.31
CA LYS A 184 6.51 4.41 -13.56
C LYS A 184 7.74 5.32 -13.68
N ALA A 185 8.55 5.39 -12.62
CA ALA A 185 9.77 6.22 -12.66
C ALA A 185 11.05 5.44 -13.06
N LEU A 186 11.05 4.84 -14.26
CA LEU A 186 12.20 4.06 -14.75
C LEU A 186 13.57 4.79 -14.83
N GLU A 193 2.13 -3.50 -7.57
CA GLU A 193 2.78 -3.91 -6.29
C GLU A 193 3.59 -5.20 -6.49
N GLU A 194 4.03 -5.44 -7.71
CA GLU A 194 4.78 -6.65 -8.00
C GLU A 194 6.15 -6.76 -7.32
N LYS A 195 6.44 -5.81 -6.44
CA LYS A 195 7.71 -5.80 -5.77
C LYS A 195 7.59 -6.20 -4.32
N VAL A 196 8.20 -7.34 -4.03
CA VAL A 196 8.20 -7.99 -2.74
C VAL A 196 9.59 -8.58 -2.41
N VAL A 197 10.06 -8.41 -1.18
CA VAL A 197 11.31 -9.03 -0.72
C VAL A 197 10.77 -10.09 0.24
N TYR A 198 11.07 -11.37 0.00
CA TYR A 198 10.53 -12.43 0.85
C TYR A 198 10.99 -12.33 2.27
N ASN A 199 10.08 -12.58 3.20
CA ASN A 199 10.34 -12.52 4.63
C ASN A 199 10.47 -11.12 5.20
N ALA A 200 10.34 -10.10 4.37
CA ALA A 200 10.47 -8.74 4.88
C ALA A 200 9.08 -8.17 5.05
N THR A 201 9.01 -7.09 5.81
CA THR A 201 7.75 -6.39 5.94
C THR A 201 7.80 -5.55 4.63
N ASN A 202 6.80 -5.64 3.74
CA ASN A 202 6.84 -4.80 2.54
C ASN A 202 5.67 -3.82 2.59
N VAL A 203 5.96 -2.53 2.37
CA VAL A 203 4.96 -1.48 2.31
C VAL A 203 5.20 -0.69 1.03
N TYR A 204 4.17 0.09 0.64
CA TYR A 204 4.19 0.83 -0.61
C TYR A 204 3.71 2.27 -0.53
N PHE A 205 4.33 3.12 -1.34
CA PHE A 205 3.95 4.54 -1.44
C PHE A 205 3.85 4.84 -2.96
N ASN A 206 2.72 4.49 -3.54
CA ASN A 206 2.57 4.72 -4.97
C ASN A 206 2.54 6.24 -5.36
N ASN A 207 2.41 7.12 -4.38
CA ASN A 207 2.43 8.57 -4.65
C ASN A 207 3.87 9.14 -4.76
N MET A 208 4.91 8.33 -4.53
CA MET A 208 6.28 8.83 -4.57
C MET A 208 7.19 8.37 -5.72
N THR A 209 8.13 9.24 -6.11
CA THR A 209 9.10 8.94 -7.15
C THR A 209 10.38 8.38 -6.52
N HIS A 210 11.28 7.87 -7.32
CA HIS A 210 12.48 7.20 -6.83
C HIS A 210 13.27 7.88 -5.74
N VAL A 211 13.89 9.00 -6.03
CA VAL A 211 14.66 9.70 -5.02
C VAL A 211 13.82 10.31 -3.91
N GLN A 212 12.63 10.81 -4.24
CA GLN A 212 11.71 11.42 -3.27
C GLN A 212 11.43 10.42 -2.14
N LEU A 213 11.26 9.15 -2.52
CA LEU A 213 10.97 8.10 -1.53
C LEU A 213 12.12 8.01 -0.53
N CYS A 214 13.33 8.21 -0.98
CA CYS A 214 14.43 8.16 -0.06
C CYS A 214 14.48 9.35 0.95
N THR A 215 14.09 10.55 0.51
CA THR A 215 14.20 11.77 1.34
C THR A 215 12.92 12.26 1.97
N SER A 216 11.83 11.60 1.69
CA SER A 216 10.51 11.99 2.16
C SER A 216 10.21 11.87 3.66
N PRO A 217 9.46 12.85 4.22
CA PRO A 217 9.12 12.78 5.64
C PRO A 217 8.29 11.55 6.00
N GLU A 218 7.57 10.97 5.07
CA GLU A 218 6.73 9.79 5.40
C GLU A 218 7.54 8.50 5.41
N THR A 219 8.59 8.46 4.62
CA THR A 219 9.45 7.30 4.61
C THR A 219 10.12 7.41 5.95
N PHE A 220 10.44 8.64 6.38
CA PHE A 220 11.09 8.80 7.66
C PHE A 220 10.21 8.22 8.79
N ALA A 221 8.95 8.64 8.87
CA ALA A 221 8.08 8.08 9.91
C ALA A 221 8.05 6.53 9.92
N VAL A 222 7.98 5.87 8.75
CA VAL A 222 7.96 4.40 8.74
C VAL A 222 9.28 3.75 9.13
N MET A 223 10.41 4.29 8.66
CA MET A 223 11.71 3.77 9.05
C MET A 223 11.85 3.93 10.56
N PHE A 224 11.56 5.12 11.08
CA PHE A 224 11.71 5.39 12.50
C PHE A 224 10.88 4.43 13.36
N GLU A 225 9.63 4.30 13.02
CA GLU A 225 8.74 3.42 13.72
C GLU A 225 9.22 1.94 13.63
N PHE A 226 9.67 1.55 12.44
CA PHE A 226 10.13 0.20 12.21
C PHE A 226 11.34 -0.13 13.11
N ILE A 227 12.22 0.83 13.33
CA ILE A 227 13.41 0.48 14.14
C ILE A 227 13.31 0.81 15.61
N ASN A 228 12.37 1.66 15.98
CA ASN A 228 12.23 2.11 17.38
C ASN A 228 10.94 1.67 18.06
N GLY A 229 9.94 1.28 17.29
CA GLY A 229 8.71 0.82 17.90
C GLY A 229 7.69 1.86 18.28
N TYR A 230 7.88 3.11 17.84
CA TYR A 230 6.88 4.16 18.10
C TYR A 230 6.99 5.27 17.04
N LYS A 231 5.89 5.95 16.77
CA LYS A 231 5.83 7.01 15.76
C LYS A 231 6.61 8.19 16.25
N PRO A 232 7.49 8.75 15.43
CA PRO A 232 8.25 9.90 15.92
C PRO A 232 7.32 11.07 16.23
N ALA A 233 7.71 11.89 17.22
CA ALA A 233 6.90 13.04 17.61
C ALA A 233 6.79 14.04 16.45
N THR A 234 7.83 14.19 15.63
CA THR A 234 7.75 15.11 14.49
C THR A 234 8.46 14.53 13.28
N THR A 235 8.10 15.03 12.09
CA THR A 235 8.81 14.65 10.88
C THR A 235 9.39 15.94 10.27
N ASP A 236 9.23 17.07 10.96
CA ASP A 236 9.77 18.34 10.46
C ASP A 236 11.24 18.53 10.77
N ILE A 237 11.92 19.35 9.96
CA ILE A 237 13.31 19.65 10.26
C ILE A 237 13.11 20.83 11.23
N VAL A 238 13.25 20.52 12.52
CA VAL A 238 13.04 21.48 13.58
C VAL A 238 14.26 22.34 13.85
N PRO A 239 14.10 23.68 13.72
CA PRO A 239 15.15 24.68 13.95
C PRO A 239 15.65 24.55 15.39
N GLN A 240 16.94 24.31 15.62
CA GLN A 240 17.35 24.17 17.01
C GLN A 240 17.50 25.54 17.75
N ASP A 241 17.78 25.50 19.04
CA ASP A 241 17.94 26.76 19.76
C ASP A 241 19.36 27.28 19.56
N GLY A 242 19.55 28.58 19.70
CA GLY A 242 20.91 29.06 19.56
C GLY A 242 21.18 29.72 18.24
N ASP A 243 22.26 30.50 18.20
CA ASP A 243 22.61 31.24 17.02
C ASP A 243 23.39 30.49 15.95
N TYR A 244 24.14 29.47 16.37
CA TYR A 244 25.02 28.75 15.47
C TYR A 244 24.59 27.35 15.15
N VAL A 245 25.08 26.83 14.03
CA VAL A 245 24.83 25.45 13.66
C VAL A 245 26.17 24.85 13.26
N LYS A 246 26.41 23.60 13.59
CA LYS A 246 27.66 22.96 13.17
C LYS A 246 27.36 22.36 11.78
N VAL A 247 28.23 22.62 10.78
CA VAL A 247 28.04 22.06 9.44
C VAL A 247 29.24 21.17 9.07
N LYS A 248 29.02 19.92 8.70
CA LYS A 248 30.15 19.07 8.31
C LYS A 248 29.79 18.69 6.87
N GLY A 249 30.70 18.94 5.94
CA GLY A 249 30.37 18.65 4.57
C GLY A 249 31.51 18.07 3.78
N LYS A 250 31.27 17.96 2.48
CA LYS A 250 32.29 17.40 1.65
C LYS A 250 32.01 17.72 0.21
N PHE A 251 33.10 18.07 -0.47
CA PHE A 251 33.17 18.36 -1.89
C PHE A 251 33.68 17.05 -2.44
N LEU A 252 32.88 16.41 -3.29
CA LEU A 252 33.27 15.12 -3.84
C LEU A 252 32.82 15.05 -5.28
N ALA A 253 33.38 14.08 -5.98
CA ALA A 253 33.10 13.82 -7.38
C ALA A 253 31.78 13.15 -7.53
N PHE A 254 31.01 13.71 -8.44
CA PHE A 254 29.71 13.19 -8.73
C PHE A 254 29.83 11.75 -9.17
N ALA A 255 29.05 10.86 -8.58
CA ALA A 255 29.04 9.44 -8.98
C ALA A 255 30.23 8.56 -8.53
N THR A 256 31.46 9.03 -8.65
CA THR A 256 32.54 8.18 -8.21
C THR A 256 32.80 8.46 -6.73
N ASN A 257 32.28 9.58 -6.28
CA ASN A 257 32.40 10.02 -4.89
C ASN A 257 33.76 10.21 -4.24
N GLY A 258 34.82 10.38 -5.01
CA GLY A 258 36.13 10.58 -4.41
C GLY A 258 36.31 12.01 -3.89
N ASP A 259 37.17 12.13 -2.88
CA ASP A 259 37.50 13.42 -2.27
C ASP A 259 37.97 14.41 -3.37
N VAL A 260 37.54 15.66 -3.26
CA VAL A 260 37.96 16.68 -4.22
C VAL A 260 38.71 17.75 -3.42
N SER A 261 39.83 18.26 -3.93
CA SER A 261 40.54 19.31 -3.19
C SER A 261 40.30 20.67 -3.85
N GLY A 262 40.33 21.72 -3.03
CA GLY A 262 40.14 23.05 -3.56
C GLY A 262 40.12 24.06 -2.44
N TRP A 263 39.65 25.26 -2.76
CA TRP A 263 39.57 26.33 -1.78
C TRP A 263 38.14 26.77 -1.59
N LEU A 264 37.72 26.89 -0.33
CA LEU A 264 36.35 27.27 -0.02
C LEU A 264 36.27 28.63 0.66
N SER A 265 35.40 29.51 0.12
CA SER A 265 35.15 30.84 0.71
C SER A 265 33.66 30.91 1.04
N ILE A 266 33.31 31.19 2.28
CA ILE A 266 31.89 31.26 2.62
C ILE A 266 31.52 32.71 2.92
N TYR A 267 30.46 33.17 2.29
CA TYR A 267 30.05 34.57 2.48
C TYR A 267 28.62 34.73 2.91
N PRO A 268 28.38 35.46 3.98
CA PRO A 268 26.96 35.59 4.29
C PRO A 268 26.39 36.54 3.18
N ILE A 269 25.18 36.31 2.68
CA ILE A 269 24.60 37.16 1.62
C ILE A 269 23.23 37.73 2.00
N ASP A 270 22.82 38.80 1.32
CA ASP A 270 21.52 39.41 1.59
C ASP A 270 20.46 38.78 0.69
N GLU A 271 19.23 39.30 0.80
CA GLU A 271 18.06 38.84 0.06
C GLU A 271 18.28 38.83 -1.44
N ASN A 272 19.22 39.62 -1.95
CA ASN A 272 19.49 39.63 -3.40
C ASN A 272 20.77 38.89 -3.80
N GLY A 273 21.40 38.23 -2.84
CA GLY A 273 22.60 37.49 -3.17
C GLY A 273 23.87 38.30 -3.05
N LYS A 274 23.76 39.55 -2.60
CA LYS A 274 24.92 40.41 -2.45
C LYS A 274 25.74 40.08 -1.20
N ARG A 275 27.03 39.87 -1.37
CA ARG A 275 27.88 39.53 -0.23
C ARG A 275 27.84 40.63 0.87
N LEU A 276 27.52 40.21 2.09
CA LEU A 276 27.42 41.12 3.21
C LEU A 276 28.78 41.49 3.83
N THR A 277 29.82 40.77 3.46
CA THR A 277 31.13 41.10 4.02
C THR A 277 32.21 41.18 2.95
N ARG A 278 33.19 42.06 3.20
CA ARG A 278 34.31 42.27 2.28
C ARG A 278 35.10 41.01 2.21
N LEU A 279 35.34 40.39 3.34
CA LEU A 279 36.13 39.17 3.34
C LEU A 279 35.19 38.02 3.69
N PRO A 280 35.53 36.82 3.24
CA PRO A 280 34.64 35.69 3.57
C PRO A 280 34.68 35.43 5.07
N VAL A 281 33.58 34.95 5.66
CA VAL A 281 33.60 34.67 7.08
C VAL A 281 34.38 33.39 7.34
N LYS A 282 34.62 32.57 6.33
CA LYS A 282 35.42 31.34 6.54
C LYS A 282 36.12 31.14 5.25
N PHE A 283 37.41 30.84 5.33
CA PHE A 283 38.18 30.60 4.14
C PHE A 283 39.01 29.39 4.49
N MET A 284 39.04 28.36 3.64
CA MET A 284 39.83 27.20 4.00
C MET A 284 40.18 26.31 2.83
N ARG A 285 41.24 25.55 3.01
CA ARG A 285 41.68 24.63 1.99
C ARG A 285 40.84 23.40 2.32
N VAL A 286 40.25 22.75 1.33
CA VAL A 286 39.45 21.57 1.57
C VAL A 286 40.02 20.39 0.79
N LYS A 287 40.05 19.25 1.44
CA LYS A 287 40.50 18.04 0.79
C LYS A 287 39.38 17.09 1.19
N GLY A 288 38.27 17.18 0.47
CA GLY A 288 37.11 16.35 0.77
C GLY A 288 36.19 16.96 1.83
N ASP A 289 36.33 16.48 3.07
CA ASP A 289 35.50 16.93 4.17
C ASP A 289 35.94 18.26 4.73
N PHE A 290 34.99 18.96 5.34
CA PHE A 290 35.28 20.18 6.03
C PHE A 290 34.24 20.29 7.11
N GLU A 291 34.49 21.11 8.10
CA GLU A 291 33.54 21.29 9.20
C GLU A 291 33.65 22.75 9.49
N VAL A 292 32.51 23.40 9.67
CA VAL A 292 32.55 24.80 9.99
C VAL A 292 31.36 25.18 10.87
N ARG A 293 31.51 26.28 11.63
CA ARG A 293 30.41 26.74 12.41
C ARG A 293 29.75 27.96 11.69
N LEU A 294 28.46 27.93 11.45
CA LEU A 294 27.82 29.07 10.78
C LEU A 294 26.61 29.51 11.60
N ARG A 295 25.95 30.57 11.15
CA ARG A 295 24.78 31.15 11.77
C ARG A 295 23.52 30.49 11.29
N LYS A 296 22.63 30.22 12.24
CA LYS A 296 21.35 29.58 11.99
C LYS A 296 20.44 30.57 11.29
N GLY A 297 19.71 30.08 10.27
CA GLY A 297 18.82 30.94 9.52
C GLY A 297 19.49 31.96 8.63
N GLN A 298 20.81 31.92 8.47
CA GLN A 298 21.49 32.93 7.62
C GLN A 298 21.74 32.42 6.19
N LEU A 299 21.46 33.23 5.19
CA LEU A 299 21.73 32.81 3.80
C LEU A 299 23.24 32.90 3.55
N TYR A 300 23.76 31.91 2.85
CA TYR A 300 25.15 31.88 2.52
C TYR A 300 25.45 31.54 1.06
N GLU A 301 26.59 32.01 0.56
CA GLU A 301 27.09 31.67 -0.76
C GLU A 301 28.36 30.80 -0.43
N PHE A 302 28.43 29.60 -0.97
CA PHE A 302 29.64 28.78 -0.78
C PHE A 302 30.41 28.88 -2.11
N GLN A 303 31.49 29.66 -2.14
CA GLN A 303 32.31 29.77 -3.36
C GLN A 303 33.49 28.75 -3.26
N PHE A 304 33.69 27.99 -4.33
CA PHE A 304 34.69 26.96 -4.36
C PHE A 304 35.49 27.04 -5.64
N ARG A 305 36.78 26.80 -5.52
CA ARG A 305 37.72 26.73 -6.64
C ARG A 305 38.34 25.31 -6.49
N LYS A 306 38.16 24.46 -7.48
CA LYS A 306 38.71 23.13 -7.37
C LYS A 306 40.04 23.17 -8.04
N ASP A 307 41.01 22.47 -7.45
CA ASP A 307 42.38 22.43 -7.96
C ASP A 307 42.41 22.18 -9.47
N PHE A 308 43.24 22.96 -10.18
CA PHE A 308 43.40 22.77 -11.61
C PHE A 308 42.26 23.17 -12.51
N SER A 309 41.48 24.15 -12.06
CA SER A 309 40.40 24.68 -12.87
C SER A 309 40.24 26.13 -12.53
N PRO A 310 40.22 26.98 -13.56
CA PRO A 310 40.05 28.43 -13.35
C PRO A 310 38.61 28.81 -12.98
N ILE A 311 37.64 27.99 -13.34
CA ILE A 311 36.24 28.30 -13.02
C ILE A 311 35.91 28.48 -11.53
N ILE A 312 35.10 29.47 -11.22
CA ILE A 312 34.69 29.73 -9.84
C ILE A 312 33.26 29.21 -9.67
N TYR A 313 33.09 28.31 -8.71
CA TYR A 313 31.77 27.76 -8.44
C TYR A 313 31.09 28.50 -7.31
N HIS A 314 29.78 28.68 -7.43
CA HIS A 314 29.00 29.35 -6.40
C HIS A 314 27.82 28.39 -6.14
N TYR A 315 27.77 27.87 -4.94
CA TYR A 315 26.73 26.95 -4.47
C TYR A 315 25.79 27.73 -3.52
N TYR A 316 24.50 27.54 -3.70
CA TYR A 316 23.51 28.26 -2.91
C TYR A 316 22.50 27.24 -2.47
N ARG A 317 21.96 27.42 -1.29
CA ARG A 317 20.93 26.54 -0.78
C ARG A 317 20.26 27.31 0.34
N ALA A 318 19.15 26.80 0.85
CA ALA A 318 18.43 27.52 1.89
C ALA A 318 19.31 27.53 3.17
N PRO A 319 19.03 28.45 4.12
CA PRO A 319 19.82 28.52 5.36
C PRO A 319 19.73 27.21 6.15
N PHE A 320 20.74 26.94 6.98
CA PHE A 320 20.73 25.76 7.86
C PHE A 320 19.95 26.19 9.11
N VAL A 321 19.00 25.38 9.56
CA VAL A 321 18.19 25.67 10.73
C VAL A 321 18.62 24.77 11.89
N ARG A 322 19.45 23.78 11.60
CA ARG A 322 19.99 22.97 12.66
C ARG A 322 21.27 22.34 12.13
N ASP A 323 22.01 21.69 13.02
CA ASP A 323 23.23 21.02 12.62
C ASP A 323 22.98 20.09 11.41
N ASP A 324 23.91 20.10 10.46
CA ASP A 324 23.84 19.28 9.25
C ASP A 324 25.21 18.67 9.07
N LEU A 325 25.29 17.39 9.29
CA LEU A 325 26.54 16.69 9.23
C LEU A 325 26.65 15.90 7.95
N TRP A 326 25.74 16.17 7.01
CA TRP A 326 25.71 15.38 5.82
C TRP A 326 25.65 16.21 4.57
N ALA A 327 26.15 17.44 4.61
CA ALA A 327 26.04 18.27 3.43
C ALA A 327 26.98 17.85 2.31
N ARG A 328 26.51 17.92 1.06
CA ARG A 328 27.36 17.51 -0.03
C ARG A 328 27.37 18.50 -1.20
N PHE A 329 28.58 18.79 -1.67
CA PHE A 329 28.72 19.68 -2.81
C PHE A 329 29.41 18.83 -3.88
N LEU A 330 28.66 18.55 -4.93
CA LEU A 330 29.06 17.75 -6.03
C LEU A 330 29.92 18.55 -6.96
N VAL A 331 31.00 17.90 -7.36
CA VAL A 331 31.95 18.47 -8.27
C VAL A 331 32.08 17.50 -9.43
N SER A 332 32.26 18.07 -10.62
CA SER A 332 32.40 17.28 -11.84
C SER A 332 33.86 16.90 -12.06
N LYS A 333 34.12 15.63 -12.29
CA LYS A 333 35.51 15.17 -12.51
C LYS A 333 35.50 13.95 -13.43
N PRO A 334 36.65 13.62 -14.04
CA PRO A 334 36.69 12.45 -14.91
C PRO A 334 36.52 11.24 -13.96
N PRO A 335 36.17 10.07 -14.50
CA PRO A 335 35.94 9.85 -15.93
C PRO A 335 34.55 10.27 -16.36
N LEU A 336 33.78 10.83 -15.43
CA LEU A 336 32.42 11.23 -15.74
C LEU A 336 32.22 12.73 -15.55
N ASP A 337 32.94 13.47 -16.37
CA ASP A 337 32.90 14.91 -16.34
C ASP A 337 31.64 15.48 -17.02
N VAL A 338 30.51 15.37 -16.35
CA VAL A 338 29.26 15.87 -16.91
C VAL A 338 29.36 17.37 -17.21
N GLU A 339 30.16 18.09 -16.47
CA GLU A 339 30.25 19.50 -16.73
C GLU A 339 30.85 19.86 -18.11
N LEU A 340 31.67 18.97 -18.71
CA LEU A 340 32.25 19.28 -20.00
C LEU A 340 31.19 19.37 -21.08
N LEU A 341 30.03 18.77 -20.84
CA LEU A 341 28.99 18.83 -21.84
C LEU A 341 28.56 20.28 -22.10
N ILE A 342 28.96 21.20 -21.25
CA ILE A 342 28.57 22.58 -21.40
C ILE A 342 29.73 23.53 -21.83
N LEU A 343 30.90 22.95 -22.03
CA LEU A 343 32.09 23.69 -22.41
C LEU A 343 31.98 24.48 -23.72
N PRO A 344 31.39 23.89 -24.78
CA PRO A 344 31.27 24.63 -26.05
C PRO A 344 30.64 26.00 -25.78
N GLU A 345 29.58 26.03 -24.99
CA GLU A 345 28.97 27.32 -24.71
C GLU A 345 29.82 28.20 -23.74
N ARG A 346 30.53 27.57 -22.81
CA ARG A 346 31.35 28.29 -21.84
C ARG A 346 32.52 28.98 -22.49
N LEU A 347 32.93 28.45 -23.66
CA LEU A 347 34.04 28.99 -24.45
C LEU A 347 33.63 30.03 -25.47
N SER A 348 32.36 30.19 -25.75
CA SER A 348 31.96 31.19 -26.74
C SER A 348 31.99 32.64 -26.21
N PRO A 349 32.17 33.61 -27.11
CA PRO A 349 32.19 35.01 -26.67
C PRO A 349 30.87 35.41 -25.99
N ALA A 350 29.76 34.81 -26.41
CA ALA A 350 28.48 35.11 -25.77
C ALA A 350 28.46 34.72 -24.26
N ALA A 351 29.34 33.80 -23.87
CA ALA A 351 29.47 33.35 -22.50
C ALA A 351 29.73 34.49 -21.52
N LYS A 352 30.37 35.56 -21.97
CA LYS A 352 30.60 36.69 -21.07
C LYS A 352 29.25 37.42 -20.82
N GLU A 353 28.26 37.10 -21.64
CA GLU A 353 26.97 37.76 -21.53
C GLU A 353 25.85 37.01 -20.83
N THR A 354 26.00 35.70 -20.63
CA THR A 354 24.95 34.91 -19.99
C THR A 354 25.42 34.09 -18.81
N SER A 355 24.47 33.62 -18.01
CA SER A 355 24.77 32.81 -16.85
C SER A 355 24.49 31.35 -17.11
N GLY A 356 25.10 30.47 -16.33
CA GLY A 356 24.85 29.06 -16.54
C GLY A 356 24.60 28.47 -15.19
N LEU A 357 23.44 27.83 -14.99
CA LEU A 357 23.25 27.26 -13.69
C LEU A 357 22.73 25.84 -13.62
N LEU A 358 22.95 25.22 -12.47
CA LEU A 358 22.49 23.86 -12.28
C LEU A 358 21.56 23.88 -11.06
N LEU A 359 20.35 23.40 -11.26
CA LEU A 359 19.33 23.35 -10.21
C LEU A 359 19.27 21.90 -9.75
N ILE A 360 19.37 21.66 -8.44
CA ILE A 360 19.29 20.30 -7.90
C ILE A 360 18.24 20.13 -6.81
N ARG A 361 17.52 19.01 -6.86
CA ARG A 361 16.59 18.74 -5.79
C ARG A 361 16.51 17.21 -5.65
N TYR A 362 16.78 16.69 -4.47
CA TYR A 362 16.68 15.26 -4.30
C TYR A 362 15.21 14.91 -4.07
N LYS A 363 14.44 15.16 -5.13
CA LYS A 363 12.99 14.94 -5.17
C LYS A 363 12.69 15.39 -6.57
N GLU A 364 12.43 14.41 -7.44
CA GLU A 364 12.18 14.57 -8.85
C GLU A 364 11.35 15.80 -9.24
N MET A 365 11.84 16.60 -10.16
CA MET A 365 11.09 17.77 -10.62
C MET A 365 10.29 17.23 -11.80
N ILE A 366 9.00 17.22 -11.62
CA ILE A 366 8.11 16.67 -12.62
C ILE A 366 7.32 17.77 -13.33
N GLY A 367 7.40 17.78 -14.66
CA GLY A 367 6.67 18.75 -15.46
C GLY A 367 5.52 18.09 -16.25
N GLU A 368 5.37 16.78 -16.06
CA GLU A 368 4.36 15.96 -16.73
C GLU A 368 3.32 15.58 -15.70
N TYR A 369 2.08 16.03 -15.87
CA TYR A 369 1.03 15.70 -14.91
C TYR A 369 0.72 14.22 -14.86
N ASP A 370 0.52 13.70 -13.64
CA ASP A 370 0.17 12.29 -13.42
C ASP A 370 -0.64 12.18 -12.12
N GLU A 371 -1.78 11.50 -12.21
CA GLU A 371 -2.71 11.35 -11.09
C GLU A 371 -2.14 10.65 -9.82
N GLU A 372 -1.54 9.47 -9.99
CA GLU A 372 -0.96 8.76 -8.85
C GLU A 372 0.07 9.64 -8.11
N ILE A 373 0.99 10.25 -8.85
CA ILE A 373 2.02 11.12 -8.27
C ILE A 373 1.31 12.35 -7.74
N GLY A 374 0.17 12.64 -8.39
CA GLY A 374 -0.70 13.73 -8.02
C GLY A 374 -0.27 15.18 -8.16
N GLY A 375 0.70 15.50 -9.02
CA GLY A 375 1.08 16.89 -9.16
C GLY A 375 2.29 17.20 -10.04
N VAL A 376 2.34 18.45 -10.52
CA VAL A 376 3.40 18.95 -11.37
C VAL A 376 4.19 20.01 -10.56
N ASP A 377 5.51 20.01 -10.70
CA ASP A 377 6.29 21.03 -10.01
C ASP A 377 6.37 22.21 -11.00
N GLU A 378 6.68 23.40 -10.51
CA GLU A 378 6.91 24.53 -11.42
C GLU A 378 8.25 25.09 -10.96
N VAL A 379 9.09 25.42 -11.94
CA VAL A 379 10.41 25.96 -11.66
C VAL A 379 10.67 27.16 -12.55
N TYR A 380 10.62 28.35 -11.94
CA TYR A 380 10.82 29.59 -12.67
C TYR A 380 12.20 30.20 -12.59
N VAL A 381 12.81 30.47 -13.75
CA VAL A 381 14.10 31.17 -13.77
C VAL A 381 13.80 32.48 -14.51
N ASN A 382 13.97 33.60 -13.82
CA ASN A 382 13.63 34.93 -14.37
C ASN A 382 12.19 34.87 -14.97
N GLY A 383 11.28 34.27 -14.22
CA GLY A 383 9.90 34.18 -14.70
C GLY A 383 9.55 33.10 -15.73
N VAL A 384 10.52 32.37 -16.25
CA VAL A 384 10.23 31.34 -17.24
C VAL A 384 10.24 29.96 -16.61
N ASN A 385 9.17 29.19 -16.86
CA ASN A 385 9.07 27.88 -16.28
C ASN A 385 9.89 26.85 -17.07
N VAL A 386 10.94 26.34 -16.45
CA VAL A 386 11.79 25.38 -17.13
C VAL A 386 11.49 23.94 -16.74
N CYS A 387 10.45 23.72 -15.95
CA CYS A 387 10.06 22.34 -15.58
C CYS A 387 8.85 22.06 -16.46
N THR A 388 9.08 21.77 -17.74
CA THR A 388 8.01 21.48 -18.69
C THR A 388 7.83 19.98 -18.90
N GLU A 389 6.74 19.60 -19.58
CA GLU A 389 6.44 18.20 -19.87
C GLU A 389 7.57 17.59 -20.71
N ARG A 390 8.09 18.37 -21.64
CA ARG A 390 9.16 17.91 -22.50
C ARG A 390 10.54 17.89 -21.79
N ILE A 391 10.84 18.93 -21.04
CA ILE A 391 12.11 19.02 -20.37
C ILE A 391 12.24 18.09 -19.17
N CYS A 392 11.16 17.98 -18.39
CA CYS A 392 11.10 17.20 -17.18
C CYS A 392 10.02 16.11 -17.12
N PRO A 393 9.99 15.20 -18.12
CA PRO A 393 8.98 14.14 -18.08
C PRO A 393 9.26 13.16 -16.93
N ILE A 394 8.20 12.54 -16.44
CA ILE A 394 8.32 11.60 -15.35
C ILE A 394 9.44 10.60 -15.53
N GLU A 395 9.54 9.97 -16.70
CA GLU A 395 10.55 8.95 -16.97
C GLU A 395 11.98 9.43 -16.77
N ARG A 396 12.19 10.74 -16.84
CA ARG A 396 13.51 11.31 -16.67
C ARG A 396 13.96 11.42 -15.21
N ALA A 397 12.99 11.42 -14.29
CA ALA A 397 13.36 11.47 -12.86
C ALA A 397 14.42 12.55 -12.63
N VAL A 398 14.11 13.75 -13.08
CA VAL A 398 15.06 14.87 -12.98
C VAL A 398 15.39 15.37 -11.55
N ASN A 399 16.66 15.24 -11.17
CA ASN A 399 17.11 15.70 -9.85
C ASN A 399 18.10 16.84 -10.08
N GLY A 400 18.62 16.91 -11.31
CA GLY A 400 19.55 17.93 -11.70
C GLY A 400 19.15 18.55 -13.04
N LEU A 401 18.77 19.82 -13.01
CA LEU A 401 18.38 20.47 -14.23
C LEU A 401 19.42 21.53 -14.67
N TRP A 402 20.00 21.35 -15.86
CA TRP A 402 20.97 22.32 -16.35
C TRP A 402 20.26 23.45 -17.15
N VAL A 403 20.51 24.72 -16.77
CA VAL A 403 19.90 25.88 -17.44
C VAL A 403 21.02 26.74 -18.02
N PHE A 404 21.10 26.82 -19.34
CA PHE A 404 22.11 27.63 -19.97
C PHE A 404 21.70 27.90 -21.42
N ASP A 405 22.41 28.77 -22.12
CA ASP A 405 22.03 29.07 -23.53
C ASP A 405 22.65 28.11 -24.50
N ARG A 406 21.93 27.04 -24.83
CA ARG A 406 22.38 26.01 -25.76
C ARG A 406 22.71 26.59 -27.11
N GLY A 407 23.93 26.33 -27.58
CA GLY A 407 24.32 26.86 -28.88
C GLY A 407 24.87 28.27 -28.73
N ALA A 408 24.70 28.89 -27.57
CA ALA A 408 25.22 30.24 -27.38
C ALA A 408 24.72 31.22 -28.46
N ASP A 409 23.52 30.98 -28.94
CA ASP A 409 22.99 31.78 -30.01
C ASP A 409 22.11 32.97 -29.52
N GLY A 410 22.01 33.17 -28.21
CA GLY A 410 21.18 34.25 -27.68
C GLY A 410 19.70 33.96 -27.87
N LYS A 411 19.35 32.70 -28.10
CA LYS A 411 17.94 32.37 -28.26
C LYS A 411 17.52 31.36 -27.23
N SER A 412 16.33 31.55 -26.63
CA SER A 412 15.84 30.58 -25.65
C SER A 412 14.86 29.65 -26.31
N ASP A 413 15.34 28.56 -26.90
CA ASP A 413 14.48 27.58 -27.55
C ASP A 413 14.09 26.47 -26.55
N LEU A 414 13.14 26.76 -25.67
CA LEU A 414 12.71 25.75 -24.69
C LEU A 414 12.12 24.50 -25.27
N ASP A 415 11.48 24.57 -26.44
CA ASP A 415 10.86 23.39 -27.02
C ASP A 415 11.81 22.44 -27.78
N ARG A 416 13.07 22.83 -27.90
CA ARG A 416 14.05 21.99 -28.55
C ARG A 416 14.91 21.35 -27.47
N GLU A 417 14.74 20.04 -27.32
CA GLU A 417 15.47 19.27 -26.35
C GLU A 417 16.99 19.43 -26.52
N VAL A 418 17.68 19.61 -25.40
CA VAL A 418 19.15 19.68 -25.42
C VAL A 418 19.60 18.21 -25.40
N VAL A 419 19.85 17.73 -26.59
CA VAL A 419 20.21 16.35 -26.82
C VAL A 419 21.36 15.76 -25.99
N ARG A 420 22.41 16.52 -25.78
CA ARG A 420 23.59 16.04 -25.08
C ARG A 420 23.35 15.52 -23.66
N TYR A 421 22.33 16.04 -22.99
CA TYR A 421 21.99 15.66 -21.62
C TYR A 421 20.99 14.51 -21.51
N SER A 422 20.30 14.25 -22.61
CA SER A 422 19.32 13.19 -22.69
C SER A 422 19.98 11.83 -22.42
N ILE A 423 21.31 11.84 -22.38
CA ILE A 423 22.07 10.63 -22.14
C ILE A 423 22.48 10.47 -20.67
N MET A 424 22.46 11.57 -19.93
CA MET A 424 22.82 11.56 -18.52
C MET A 424 21.67 11.08 -17.64
N PRO A 425 21.99 10.29 -16.63
CA PRO A 425 20.90 9.80 -15.76
C PRO A 425 20.48 10.84 -14.71
N PHE A 426 19.18 10.91 -14.41
CA PHE A 426 18.60 11.86 -13.44
C PHE A 426 18.77 13.33 -13.81
N MET A 427 19.08 13.61 -15.07
CA MET A 427 19.30 14.98 -15.47
C MET A 427 18.55 15.40 -16.67
N SER A 428 18.53 16.70 -16.89
CA SER A 428 17.90 17.24 -18.08
C SER A 428 18.43 18.64 -18.28
N ALA A 429 17.99 19.32 -19.34
CA ALA A 429 18.47 20.67 -19.55
C ALA A 429 17.43 21.57 -20.20
N ALA A 430 17.59 22.86 -20.00
CA ALA A 430 16.64 23.81 -20.58
C ALA A 430 17.45 24.89 -21.28
N ASP A 431 17.17 25.09 -22.56
CA ASP A 431 17.87 26.12 -23.34
C ASP A 431 17.19 27.42 -22.96
N LEU A 432 17.77 28.14 -22.01
CA LEU A 432 17.19 29.42 -21.57
C LEU A 432 18.26 30.52 -21.54
N VAL A 433 17.98 31.69 -22.10
CA VAL A 433 19.00 32.74 -22.03
C VAL A 433 18.84 33.41 -20.68
N VAL A 434 19.91 33.47 -19.89
CA VAL A 434 19.87 34.11 -18.57
C VAL A 434 20.91 35.21 -18.65
N PRO A 435 20.47 36.44 -18.92
CA PRO A 435 21.42 37.54 -19.02
C PRO A 435 22.30 37.67 -17.79
N ALA A 436 23.60 37.82 -18.01
CA ALA A 436 24.57 37.97 -16.92
C ALA A 436 24.62 39.40 -16.40
N GLU A 437 23.48 39.99 -16.08
CA GLU A 437 23.48 41.37 -15.56
C GLU A 437 22.54 41.34 -14.38
N GLY A 438 22.93 42.01 -13.29
CA GLY A 438 22.12 42.05 -12.09
C GLY A 438 22.02 40.69 -11.39
N THR A 439 20.78 40.26 -11.18
CA THR A 439 20.50 39.03 -10.50
C THR A 439 19.70 38.05 -11.30
N ILE A 440 19.56 36.87 -10.72
CA ILE A 440 18.76 35.82 -11.33
C ILE A 440 17.73 35.48 -10.30
N SER A 441 16.48 35.32 -10.67
CA SER A 441 15.51 34.93 -9.65
C SER A 441 15.08 33.52 -10.01
N ILE A 442 14.97 32.68 -8.99
CA ILE A 442 14.58 31.29 -9.16
C ILE A 442 13.48 31.03 -8.15
N ALA A 443 12.36 30.51 -8.64
CA ALA A 443 11.21 30.22 -7.79
C ALA A 443 10.69 28.81 -8.10
N VAL A 444 10.40 28.04 -7.07
CA VAL A 444 9.86 26.73 -7.34
C VAL A 444 8.60 26.59 -6.54
N LYS A 445 7.58 25.99 -7.18
CA LYS A 445 6.31 25.68 -6.53
C LYS A 445 6.27 24.14 -6.54
N SER A 446 6.41 23.53 -5.37
CA SER A 446 6.47 22.07 -5.26
C SER A 446 5.16 21.36 -5.54
N ARG A 447 5.24 20.18 -6.17
CA ARG A 447 4.04 19.38 -6.47
C ARG A 447 3.39 18.89 -5.19
N THR A 448 4.10 18.92 -4.07
CA THR A 448 3.49 18.48 -2.84
C THR A 448 3.06 19.70 -2.03
N GLY A 449 3.17 20.89 -2.65
CA GLY A 449 2.76 22.13 -1.98
C GLY A 449 3.87 23.00 -1.39
N GLY A 450 3.69 24.31 -1.37
CA GLY A 450 4.75 25.14 -0.81
C GLY A 450 5.64 25.73 -1.88
N GLU A 451 6.41 26.75 -1.51
CA GLU A 451 7.24 27.41 -2.49
C GLU A 451 8.55 27.84 -1.90
N GLU A 452 9.57 28.00 -2.73
CA GLU A 452 10.84 28.44 -2.21
C GLU A 452 11.47 29.30 -3.28
N SER A 453 12.18 30.34 -2.90
CA SER A 453 12.77 31.16 -3.92
C SER A 453 14.14 31.67 -3.53
N PHE A 454 14.88 32.09 -4.53
CA PHE A 454 16.21 32.62 -4.37
C PHE A 454 16.40 33.76 -5.35
N THR A 455 17.33 34.63 -5.01
CA THR A 455 17.74 35.69 -5.88
C THR A 455 19.23 35.69 -5.69
N ILE A 456 20.01 35.50 -6.76
CA ILE A 456 21.46 35.45 -6.60
C ILE A 456 22.13 36.25 -7.69
N PRO A 457 23.44 36.54 -7.56
CA PRO A 457 24.08 37.30 -8.63
C PRO A 457 24.04 36.55 -9.97
N ALA A 458 24.06 37.30 -11.08
CA ALA A 458 24.03 36.68 -12.42
C ALA A 458 25.47 36.49 -12.90
N TRP A 459 26.23 35.62 -12.24
CA TRP A 459 27.62 35.40 -12.63
C TRP A 459 27.71 34.97 -14.09
N SER A 460 28.69 35.51 -14.81
CA SER A 460 28.78 35.10 -16.20
C SER A 460 29.42 33.71 -16.34
N ALA A 461 28.89 32.94 -17.28
CA ALA A 461 29.32 31.59 -17.57
C ALA A 461 30.77 31.43 -18.02
N ASP A 462 31.40 32.47 -18.54
CA ASP A 462 32.80 32.32 -18.97
C ASP A 462 33.75 32.04 -17.79
N ARG A 463 33.47 32.59 -16.61
CA ARG A 463 34.35 32.35 -15.49
C ARG A 463 33.65 31.72 -14.29
N HIS A 464 32.33 31.64 -14.35
CA HIS A 464 31.56 31.10 -13.21
C HIS A 464 30.53 30.01 -13.54
N SER A 465 30.20 29.25 -12.51
CA SER A 465 29.24 28.17 -12.59
C SER A 465 28.42 28.37 -11.35
N ILE A 466 27.11 28.22 -11.48
CA ILE A 466 26.20 28.47 -10.40
C ILE A 466 25.47 27.19 -10.13
N ILE A 467 25.37 26.79 -8.87
CA ILE A 467 24.63 25.58 -8.53
C ILE A 467 23.65 26.00 -7.45
N VAL A 468 22.40 25.64 -7.59
CA VAL A 468 21.40 26.02 -6.59
C VAL A 468 20.68 24.75 -6.20
N GLN A 469 20.71 24.44 -4.91
CA GLN A 469 20.04 23.26 -4.47
C GLN A 469 18.74 23.63 -3.75
N PHE A 470 17.62 23.06 -4.19
CA PHE A 470 16.34 23.34 -3.53
C PHE A 470 16.20 22.31 -2.44
N SER A 471 15.45 22.64 -1.41
CA SER A 471 15.24 21.69 -0.34
C SER A 471 14.37 20.57 -0.81
N ASP A 472 14.60 19.35 -0.31
CA ASP A 472 13.78 18.26 -0.79
C ASP A 472 12.46 18.10 -0.05
N TYR A 473 12.11 19.08 0.76
CA TYR A 473 10.78 19.08 1.36
C TYR A 473 10.42 20.44 1.92
N ILE A 474 9.26 20.96 1.56
CA ILE A 474 8.82 22.25 2.06
C ILE A 474 7.59 21.98 2.92
N VAL A 475 7.59 22.40 4.17
CA VAL A 475 6.43 22.14 5.00
C VAL A 475 5.31 23.15 4.78
N GLU B 20 -2.68 -26.46 -15.34
CA GLU B 20 -2.09 -26.47 -13.96
C GLU B 20 -1.13 -25.31 -13.67
N ASP B 21 -1.56 -24.13 -14.09
CA ASP B 21 -0.82 -22.93 -13.85
C ASP B 21 -1.23 -22.48 -12.44
N PHE B 22 -2.21 -23.16 -11.83
CA PHE B 22 -2.68 -22.70 -10.52
C PHE B 22 -2.77 -23.78 -9.49
N ARG B 23 -2.78 -23.33 -8.25
CA ARG B 23 -2.91 -24.20 -7.11
C ARG B 23 -4.20 -23.80 -6.38
N PRO B 24 -4.74 -24.72 -5.59
CA PRO B 24 -5.95 -24.45 -4.85
C PRO B 24 -5.85 -23.29 -3.84
N VAL B 25 -7.00 -22.65 -3.64
CA VAL B 25 -7.17 -21.59 -2.67
C VAL B 25 -8.26 -22.07 -1.67
N VAL B 26 -7.96 -21.99 -0.38
CA VAL B 26 -8.89 -22.39 0.65
C VAL B 26 -9.15 -21.14 1.50
N PHE B 27 -10.40 -20.69 1.53
CA PHE B 27 -10.77 -19.49 2.26
C PHE B 27 -11.38 -19.84 3.61
N VAL B 28 -10.97 -19.16 4.66
CA VAL B 28 -11.56 -19.38 5.99
C VAL B 28 -12.23 -18.09 6.46
N HIS B 29 -13.56 -18.11 6.59
CA HIS B 29 -14.36 -16.91 6.98
C HIS B 29 -14.24 -16.50 8.45
N GLY B 30 -14.80 -15.34 8.79
CA GLY B 30 -14.77 -14.87 10.18
C GLY B 30 -16.03 -15.16 11.00
N LEU B 31 -16.19 -14.48 12.12
CA LEU B 31 -17.34 -14.67 13.01
C LEU B 31 -18.64 -14.30 12.27
N ALA B 32 -19.64 -15.19 12.37
CA ALA B 32 -20.91 -15.00 11.68
C ALA B 32 -20.78 -15.02 10.16
N GLY B 33 -19.64 -15.45 9.61
CA GLY B 33 -19.46 -15.52 8.16
C GLY B 33 -19.72 -16.95 7.64
N SER B 34 -19.49 -17.17 6.35
CA SER B 34 -19.69 -18.44 5.69
C SER B 34 -18.93 -18.33 4.36
N ALA B 35 -19.06 -19.34 3.51
CA ALA B 35 -18.41 -19.31 2.21
C ALA B 35 -18.94 -18.13 1.37
N GLY B 36 -20.11 -17.63 1.74
CA GLY B 36 -20.69 -16.54 0.98
C GLY B 36 -19.78 -15.35 0.78
N GLN B 37 -18.95 -14.99 1.76
CA GLN B 37 -18.04 -13.86 1.58
C GLN B 37 -16.92 -14.10 0.51
N PHE B 38 -16.86 -15.29 -0.08
CA PHE B 38 -15.80 -15.55 -1.06
C PHE B 38 -16.42 -15.99 -2.36
N GLU B 39 -17.74 -15.96 -2.39
CA GLU B 39 -18.45 -16.38 -3.58
C GLU B 39 -18.04 -15.55 -4.79
N SER B 40 -17.99 -14.23 -4.61
CA SER B 40 -17.60 -13.38 -5.73
C SER B 40 -16.13 -13.57 -6.09
N GLN B 41 -15.26 -13.61 -5.09
CA GLN B 41 -13.85 -13.82 -5.40
C GLN B 41 -13.73 -15.15 -6.14
N GLY B 42 -14.51 -16.15 -5.73
CA GLY B 42 -14.43 -17.46 -6.39
C GLY B 42 -14.77 -17.34 -7.87
N MET B 43 -15.78 -16.54 -8.19
CA MET B 43 -16.13 -16.37 -9.58
C MET B 43 -15.05 -15.61 -10.32
N ARG B 44 -14.37 -14.73 -9.61
CA ARG B 44 -13.30 -13.97 -10.19
C ARG B 44 -12.08 -14.84 -10.51
N PHE B 45 -11.69 -15.75 -9.60
CA PHE B 45 -10.56 -16.67 -9.88
C PHE B 45 -10.87 -17.54 -11.13
N ALA B 46 -12.13 -17.95 -11.24
CA ALA B 46 -12.61 -18.81 -12.33
C ALA B 46 -12.64 -18.04 -13.61
N ALA B 47 -12.98 -16.76 -13.55
CA ALA B 47 -12.99 -15.96 -14.78
C ALA B 47 -11.53 -15.73 -15.30
N ASN B 48 -10.54 -16.00 -14.48
CA ASN B 48 -9.16 -15.77 -14.91
C ASN B 48 -8.40 -17.07 -15.08
N GLY B 49 -9.07 -18.14 -15.43
CA GLY B 49 -8.31 -19.36 -15.64
C GLY B 49 -8.40 -20.47 -14.62
N TYR B 50 -8.79 -20.17 -13.40
CA TYR B 50 -8.87 -21.20 -12.40
C TYR B 50 -10.06 -22.13 -12.61
N PRO B 51 -9.84 -23.43 -12.41
CA PRO B 51 -10.95 -24.37 -12.54
C PRO B 51 -11.69 -24.02 -11.20
N ALA B 52 -12.98 -23.70 -11.29
CA ALA B 52 -13.82 -23.34 -10.14
C ALA B 52 -13.62 -24.25 -8.95
N GLU B 53 -13.46 -25.54 -9.20
CA GLU B 53 -13.23 -26.48 -8.12
C GLU B 53 -11.94 -26.19 -7.32
N TYR B 54 -11.01 -25.40 -7.84
CA TYR B 54 -9.78 -25.15 -7.05
C TYR B 54 -10.00 -24.21 -5.85
N VAL B 55 -11.09 -23.47 -5.92
CA VAL B 55 -11.42 -22.53 -4.87
C VAL B 55 -12.30 -23.27 -3.86
N LYS B 56 -11.76 -23.50 -2.68
CA LYS B 56 -12.45 -24.22 -1.61
C LYS B 56 -12.74 -23.30 -0.43
N THR B 57 -13.77 -23.60 0.34
CA THR B 57 -14.04 -22.76 1.52
C THR B 57 -14.14 -23.71 2.70
N PHE B 58 -13.61 -23.35 3.86
CA PHE B 58 -13.73 -24.16 5.06
C PHE B 58 -14.73 -23.46 5.99
N GLU B 59 -15.80 -24.15 6.38
CA GLU B 59 -16.78 -23.53 7.26
C GLU B 59 -16.77 -24.17 8.67
N TYR B 60 -17.09 -23.38 9.69
CA TYR B 60 -16.99 -23.88 11.05
C TYR B 60 -17.93 -23.07 11.91
N ASP B 61 -18.25 -23.64 13.08
CA ASP B 61 -19.14 -22.97 14.01
C ASP B 61 -18.34 -21.81 14.69
N THR B 62 -18.70 -20.54 14.44
CA THR B 62 -17.94 -19.41 14.94
C THR B 62 -18.22 -18.96 16.36
N ILE B 63 -19.43 -19.19 16.84
CA ILE B 63 -19.76 -18.85 18.19
C ILE B 63 -18.82 -19.69 19.10
N SER B 64 -18.80 -21.00 18.88
CA SER B 64 -17.94 -21.89 19.68
C SER B 64 -16.48 -21.55 19.54
N TRP B 65 -16.05 -21.30 18.32
CA TRP B 65 -14.65 -21.00 18.12
C TRP B 65 -14.22 -19.72 18.87
N ALA B 66 -15.04 -18.68 18.74
CA ALA B 66 -14.78 -17.41 19.41
C ALA B 66 -14.78 -17.54 20.92
N LEU B 67 -15.79 -18.20 21.48
CA LEU B 67 -15.92 -18.31 22.92
C LEU B 67 -15.00 -19.32 23.61
N VAL B 68 -14.57 -20.35 22.88
CA VAL B 68 -13.73 -21.40 23.47
C VAL B 68 -12.25 -21.28 23.09
N VAL B 69 -11.99 -20.85 21.87
CA VAL B 69 -10.65 -20.74 21.39
C VAL B 69 -10.10 -19.32 21.31
N GLU B 70 -10.81 -18.40 20.67
CA GLU B 70 -10.26 -17.06 20.51
C GLU B 70 -10.64 -16.04 21.59
N THR B 71 -10.72 -16.45 22.84
CA THR B 71 -11.03 -15.48 23.90
C THR B 71 -10.06 -14.26 23.98
N ASP B 72 -8.75 -14.45 23.75
CA ASP B 72 -7.79 -13.33 23.78
C ASP B 72 -8.22 -12.24 22.80
N MET B 73 -8.47 -12.64 21.59
CA MET B 73 -8.88 -11.72 20.53
C MET B 73 -10.20 -11.06 20.91
N LEU B 74 -11.17 -11.88 21.30
CA LEU B 74 -12.48 -11.39 21.65
C LEU B 74 -12.50 -10.42 22.82
N PHE B 75 -11.83 -10.79 23.89
CA PHE B 75 -11.91 -9.92 25.02
C PHE B 75 -10.86 -8.82 25.17
N SER B 76 -10.18 -8.49 24.09
CA SER B 76 -9.25 -7.39 24.15
C SER B 76 -9.65 -6.38 23.06
N GLY B 77 -10.86 -6.56 22.52
CA GLY B 77 -11.35 -5.66 21.51
C GLY B 77 -10.63 -5.75 20.16
N LEU B 78 -10.04 -6.90 19.85
CA LEU B 78 -9.35 -7.07 18.58
C LEU B 78 -10.26 -7.55 17.45
N GLY B 79 -11.48 -8.00 17.78
CA GLY B 79 -12.38 -8.49 16.76
C GLY B 79 -13.69 -7.74 16.67
N SER B 80 -14.78 -8.49 16.67
CA SER B 80 -16.10 -7.89 16.64
C SER B 80 -16.50 -7.58 18.10
N GLU B 81 -17.58 -6.86 18.27
CA GLU B 81 -18.06 -6.53 19.60
C GLU B 81 -19.10 -7.57 19.96
N PHE B 82 -18.85 -8.82 19.55
CA PHE B 82 -19.76 -9.92 19.84
C PHE B 82 -19.64 -10.27 21.35
N GLY B 83 -18.45 -10.05 21.88
CA GLY B 83 -18.20 -10.30 23.29
C GLY B 83 -19.03 -9.35 24.13
N LEU B 84 -19.33 -8.16 23.60
CA LEU B 84 -20.13 -7.20 24.37
C LEU B 84 -21.54 -7.68 24.69
N ASN B 85 -22.17 -8.45 23.82
CA ASN B 85 -23.54 -8.84 24.11
C ASN B 85 -23.75 -10.35 24.27
N ILE B 86 -22.68 -11.10 24.54
CA ILE B 86 -22.76 -12.54 24.68
C ILE B 86 -23.94 -13.04 25.48
N SER B 87 -24.09 -12.53 26.69
CA SER B 87 -25.17 -12.99 27.55
C SER B 87 -26.59 -12.60 27.14
N GLN B 88 -26.73 -11.71 26.17
CA GLN B 88 -28.06 -11.35 25.73
C GLN B 88 -28.42 -12.09 24.45
N ILE B 89 -27.39 -12.48 23.71
CA ILE B 89 -27.55 -13.20 22.46
C ILE B 89 -27.74 -14.71 22.66
N ILE B 90 -26.99 -15.29 23.60
CA ILE B 90 -27.04 -16.70 23.90
C ILE B 90 -27.69 -16.99 25.29
N ASP B 91 -28.67 -17.87 25.33
CA ASP B 91 -29.33 -18.21 26.61
C ASP B 91 -28.29 -18.86 27.49
N PRO B 92 -28.43 -18.65 28.82
CA PRO B 92 -27.54 -19.17 29.86
C PRO B 92 -27.12 -20.61 29.84
N GLU B 93 -28.07 -21.53 29.76
CA GLU B 93 -27.65 -22.92 29.77
C GLU B 93 -26.89 -23.30 28.51
N THR B 94 -27.27 -22.73 27.40
CA THR B 94 -26.56 -23.00 26.17
C THR B 94 -25.14 -22.43 26.24
N LEU B 95 -24.97 -21.28 26.86
CA LEU B 95 -23.64 -20.71 26.94
C LEU B 95 -22.70 -21.62 27.82
N ASP B 96 -23.25 -22.18 28.90
CA ASP B 96 -22.45 -23.06 29.75
C ASP B 96 -22.02 -24.30 28.99
N LYS B 97 -22.94 -24.94 28.28
CA LYS B 97 -22.58 -26.12 27.50
C LYS B 97 -21.45 -25.73 26.55
N ILE B 98 -21.64 -24.64 25.84
CA ILE B 98 -20.60 -24.18 24.95
C ILE B 98 -19.25 -24.01 25.65
N LEU B 99 -19.22 -23.27 26.76
CA LEU B 99 -17.98 -23.02 27.50
C LEU B 99 -17.39 -24.24 28.22
N SER B 100 -18.16 -25.32 28.33
CA SER B 100 -17.64 -26.48 29.02
C SER B 100 -16.95 -27.37 28.02
N LYS B 101 -17.07 -27.04 26.73
CA LYS B 101 -16.42 -27.85 25.70
C LYS B 101 -14.90 -27.82 25.93
N SER B 102 -14.26 -28.92 25.57
CA SER B 102 -12.81 -29.01 25.69
C SER B 102 -12.16 -28.16 24.58
N ARG B 103 -11.37 -27.15 24.99
CA ARG B 103 -10.67 -26.29 24.07
C ARG B 103 -9.72 -27.04 23.15
N GLU B 104 -8.82 -27.83 23.76
CA GLU B 104 -7.83 -28.61 23.02
C GLU B 104 -8.48 -29.56 22.05
N ARG B 105 -9.52 -30.24 22.51
CA ARG B 105 -10.26 -31.16 21.64
C ARG B 105 -10.92 -30.38 20.48
N LEU B 106 -11.52 -29.22 20.77
CA LEU B 106 -12.15 -28.41 19.71
C LEU B 106 -11.05 -27.98 18.69
N ILE B 107 -9.90 -27.52 19.19
CA ILE B 107 -8.81 -27.10 18.31
C ILE B 107 -8.33 -28.25 17.40
N ASP B 108 -8.09 -29.42 17.99
CA ASP B 108 -7.62 -30.56 17.22
C ASP B 108 -8.65 -31.08 16.22
N GLU B 109 -9.89 -31.28 16.62
CA GLU B 109 -10.88 -31.76 15.67
C GLU B 109 -11.10 -30.81 14.49
N THR B 110 -11.08 -29.50 14.75
CA THR B 110 -11.33 -28.54 13.69
C THR B 110 -10.17 -28.47 12.72
N PHE B 111 -8.95 -28.43 13.25
CA PHE B 111 -7.75 -28.44 12.39
C PHE B 111 -7.62 -29.72 11.55
N SER B 112 -8.06 -30.86 12.07
CA SER B 112 -7.98 -32.11 11.35
C SER B 112 -8.91 -32.03 10.18
N ARG B 113 -10.11 -31.51 10.42
CA ARG B 113 -11.05 -31.35 9.34
C ARG B 113 -10.45 -30.41 8.27
N LEU B 114 -9.71 -29.35 8.65
CA LEU B 114 -9.07 -28.48 7.64
C LEU B 114 -7.91 -29.20 6.92
N ASP B 115 -7.20 -30.08 7.64
CA ASP B 115 -6.11 -30.84 7.02
C ASP B 115 -6.73 -31.62 5.88
N ARG B 116 -7.84 -32.29 6.18
CA ARG B 116 -8.54 -33.10 5.21
C ARG B 116 -9.03 -32.25 4.05
N VAL B 117 -9.49 -31.03 4.27
CA VAL B 117 -9.93 -30.27 3.09
C VAL B 117 -8.70 -29.97 2.26
N ILE B 118 -7.62 -29.61 2.93
CA ILE B 118 -6.46 -29.27 2.16
C ILE B 118 -5.95 -30.47 1.37
N ASP B 119 -5.86 -31.64 2.01
CA ASP B 119 -5.36 -32.85 1.32
C ASP B 119 -6.16 -33.18 0.09
N GLU B 120 -7.47 -33.08 0.22
CA GLU B 120 -8.30 -33.35 -0.93
C GLU B 120 -7.95 -32.36 -2.07
N ALA B 121 -7.94 -31.05 -1.76
CA ALA B 121 -7.60 -30.10 -2.82
C ALA B 121 -6.25 -30.45 -3.46
N LEU B 122 -5.29 -30.90 -2.66
CA LEU B 122 -3.98 -31.30 -3.22
C LEU B 122 -4.10 -32.51 -4.17
N ALA B 123 -4.68 -33.62 -3.71
CA ALA B 123 -4.82 -34.82 -4.56
C ALA B 123 -5.67 -34.53 -5.79
N GLU B 124 -6.69 -33.69 -5.63
CA GLU B 124 -7.55 -33.37 -6.75
C GLU B 124 -6.88 -32.46 -7.81
N SER B 125 -5.96 -31.61 -7.40
CA SER B 125 -5.32 -30.72 -8.37
C SER B 125 -3.95 -31.21 -8.76
N GLY B 126 -3.35 -32.07 -7.92
CA GLY B 126 -2.00 -32.57 -8.19
C GLY B 126 -0.89 -31.62 -7.72
N ALA B 127 -1.25 -30.61 -6.94
CA ALA B 127 -0.23 -29.65 -6.46
C ALA B 127 0.45 -30.10 -5.17
N ASP B 128 1.52 -29.42 -4.78
CA ASP B 128 2.21 -29.78 -3.54
C ASP B 128 1.82 -28.82 -2.42
N LYS B 129 1.21 -27.69 -2.78
CA LYS B 129 0.82 -26.71 -1.79
C LYS B 129 -0.43 -25.96 -2.21
N VAL B 130 -1.05 -25.30 -1.23
CA VAL B 130 -2.23 -24.48 -1.47
C VAL B 130 -2.02 -23.08 -0.89
N ASP B 131 -2.93 -22.19 -1.30
CA ASP B 131 -2.97 -20.82 -0.81
C ASP B 131 -4.13 -20.74 0.24
N LEU B 132 -3.86 -20.14 1.40
CA LEU B 132 -4.90 -19.99 2.44
C LEU B 132 -5.26 -18.50 2.56
N VAL B 133 -6.55 -18.22 2.66
CA VAL B 133 -7.02 -16.83 2.80
C VAL B 133 -7.99 -16.78 3.97
N GLY B 134 -7.72 -15.90 4.93
CA GLY B 134 -8.62 -15.81 6.05
C GLY B 134 -9.18 -14.40 6.09
N HIS B 135 -10.37 -14.28 6.69
CA HIS B 135 -10.98 -12.96 6.86
C HIS B 135 -11.44 -12.79 8.31
N SER B 136 -11.03 -11.68 8.93
CA SER B 136 -11.42 -11.32 10.28
C SER B 136 -11.03 -12.39 11.32
N MET B 137 -11.97 -13.02 12.03
CA MET B 137 -11.55 -14.07 12.95
C MET B 137 -10.86 -15.24 12.19
N GLY B 138 -11.17 -15.38 10.89
CA GLY B 138 -10.53 -16.40 10.04
C GLY B 138 -9.01 -16.29 10.00
N THR B 139 -8.50 -15.07 10.20
CA THR B 139 -7.06 -14.83 10.15
C THR B 139 -6.37 -15.34 11.43
N PHE B 140 -7.07 -15.18 12.56
CA PHE B 140 -6.56 -15.66 13.82
C PHE B 140 -6.57 -17.20 13.70
N PHE B 141 -7.64 -17.74 13.11
CA PHE B 141 -7.77 -19.20 12.94
C PHE B 141 -6.58 -19.72 12.14
N LEU B 142 -6.38 -19.14 10.96
CA LEU B 142 -5.27 -19.57 10.10
C LEU B 142 -3.88 -19.46 10.68
N VAL B 143 -3.59 -18.33 11.34
CA VAL B 143 -2.28 -18.13 11.92
C VAL B 143 -2.04 -19.21 12.95
N ARG B 144 -3.03 -19.49 13.79
CA ARG B 144 -2.87 -20.55 14.79
C ARG B 144 -2.68 -21.91 14.09
N TYR B 145 -3.48 -22.17 13.06
CA TYR B 145 -3.41 -23.43 12.31
C TYR B 145 -2.02 -23.66 11.71
N VAL B 146 -1.50 -22.64 11.04
CA VAL B 146 -0.19 -22.78 10.41
C VAL B 146 0.95 -23.03 11.39
N ASN B 147 0.89 -22.37 12.54
CA ASN B 147 1.89 -22.53 13.56
C ASN B 147 1.72 -23.79 14.42
N SER B 148 0.63 -24.53 14.25
CA SER B 148 0.46 -25.70 15.10
C SER B 148 1.43 -26.83 14.75
N SER B 149 1.90 -26.88 13.50
CA SER B 149 2.89 -27.86 13.10
C SER B 149 3.61 -27.55 11.78
N PRO B 150 4.86 -28.04 11.65
CA PRO B 150 5.66 -27.80 10.44
C PRO B 150 5.03 -28.50 9.24
N GLU B 151 4.43 -29.65 9.52
CA GLU B 151 3.79 -30.44 8.48
C GLU B 151 2.64 -29.59 7.87
N ARG B 152 1.86 -28.95 8.72
CA ARG B 152 0.77 -28.12 8.24
C ARG B 152 1.36 -26.93 7.47
N ALA B 153 2.39 -26.30 8.03
CA ALA B 153 3.01 -25.15 7.40
C ALA B 153 3.58 -25.46 6.03
N ALA B 154 4.15 -26.66 5.89
CA ALA B 154 4.77 -27.07 4.64
C ALA B 154 3.83 -27.10 3.46
N LYS B 155 2.53 -27.27 3.71
CA LYS B 155 1.60 -27.35 2.59
C LYS B 155 1.05 -26.01 2.12
N VAL B 156 1.54 -24.93 2.70
CA VAL B 156 1.09 -23.60 2.37
C VAL B 156 2.07 -22.76 1.53
N ALA B 157 1.68 -22.44 0.30
CA ALA B 157 2.50 -21.62 -0.57
C ALA B 157 2.32 -20.13 -0.20
N HIS B 158 1.09 -19.68 0.02
CA HIS B 158 0.89 -18.28 0.44
C HIS B 158 -0.23 -18.18 1.47
N LEU B 159 -0.10 -17.25 2.39
CA LEU B 159 -1.08 -17.02 3.43
C LEU B 159 -1.58 -15.57 3.24
N ILE B 160 -2.90 -15.38 3.22
CA ILE B 160 -3.49 -14.06 3.06
C ILE B 160 -4.43 -13.76 4.23
N LEU B 161 -4.14 -12.65 4.92
CA LEU B 161 -4.85 -12.22 6.11
C LEU B 161 -5.64 -10.95 5.78
N LEU B 162 -6.94 -11.08 5.64
CA LEU B 162 -7.75 -9.90 5.29
C LEU B 162 -8.42 -9.29 6.51
N ASP B 163 -8.08 -8.04 6.79
CA ASP B 163 -8.65 -7.21 7.86
C ASP B 163 -8.96 -7.91 9.21
N GLY B 164 -7.95 -8.65 9.68
CA GLY B 164 -8.08 -9.36 10.93
C GLY B 164 -6.86 -9.07 11.78
N VAL B 165 -6.13 -10.11 12.13
CA VAL B 165 -4.95 -10.00 12.97
C VAL B 165 -3.94 -8.93 12.54
N TRP B 166 -3.34 -8.26 13.51
CA TRP B 166 -2.31 -7.25 13.25
C TRP B 166 -1.41 -7.12 14.49
N GLY B 167 -0.25 -6.47 14.31
CA GLY B 167 0.68 -6.28 15.42
C GLY B 167 1.41 -7.56 15.85
N VAL B 168 1.48 -8.54 14.94
CA VAL B 168 2.19 -9.80 15.20
C VAL B 168 3.04 -10.11 13.99
N ASP B 169 3.84 -11.15 14.15
CA ASP B 169 4.73 -11.63 13.12
C ASP B 169 4.00 -12.64 12.24
N ALA B 170 4.29 -12.63 10.95
CA ALA B 170 3.71 -13.58 10.02
C ALA B 170 4.24 -15.01 10.35
N PRO B 171 3.47 -16.07 10.07
CA PRO B 171 3.98 -17.41 10.36
C PRO B 171 5.36 -17.54 9.69
N GLU B 172 6.36 -17.99 10.45
CA GLU B 172 7.72 -18.11 9.93
C GLU B 172 7.87 -18.91 8.63
N GLY B 173 8.62 -18.37 7.66
CA GLY B 173 8.82 -19.05 6.39
C GLY B 173 7.64 -19.14 5.43
N ILE B 174 6.54 -18.43 5.71
CA ILE B 174 5.35 -18.46 4.86
C ILE B 174 5.09 -17.12 4.20
N PRO B 175 5.22 -17.04 2.88
CA PRO B 175 4.97 -15.75 2.23
C PRO B 175 3.53 -15.27 2.65
N THR B 176 3.47 -14.15 3.35
CA THR B 176 2.21 -13.67 3.83
C THR B 176 1.84 -12.28 3.31
N LEU B 177 0.55 -12.11 3.00
CA LEU B 177 0.02 -10.82 2.56
C LEU B 177 -1.08 -10.40 3.55
N ALA B 178 -1.01 -9.18 4.08
CA ALA B 178 -2.07 -8.69 4.95
C ALA B 178 -2.70 -7.45 4.28
N VAL B 179 -4.04 -7.41 4.21
CA VAL B 179 -4.76 -6.30 3.59
C VAL B 179 -5.68 -5.76 4.66
N PHE B 180 -5.59 -4.43 4.90
CA PHE B 180 -6.41 -3.75 5.89
C PHE B 180 -7.30 -2.66 5.31
N GLY B 181 -8.50 -2.53 5.84
CA GLY B 181 -9.38 -1.49 5.32
C GLY B 181 -9.54 -0.41 6.35
N ASN B 182 -10.61 0.36 6.33
CA ASN B 182 -10.79 1.41 7.31
C ASN B 182 -12.22 1.38 7.81
N PRO B 183 -12.55 0.32 8.58
CA PRO B 183 -13.88 0.11 9.14
C PRO B 183 -14.40 1.28 10.01
N LYS B 184 -13.57 1.79 10.93
CA LYS B 184 -14.01 2.88 11.81
C LYS B 184 -14.11 4.24 11.09
N ALA B 185 -13.74 4.30 9.82
CA ALA B 185 -13.80 5.52 9.00
C ALA B 185 -12.90 6.67 9.46
N LEU B 186 -11.79 6.33 10.13
CA LEU B 186 -10.85 7.32 10.65
C LEU B 186 -10.12 8.19 9.62
N GLU B 193 -0.09 3.95 9.29
CA GLU B 193 -1.09 2.84 9.19
C GLU B 193 -0.97 2.01 10.46
N GLU B 194 -1.52 2.53 11.53
CA GLU B 194 -1.44 1.83 12.79
C GLU B 194 -1.42 0.27 12.67
N LYS B 195 -2.09 -0.31 11.66
CA LYS B 195 -2.09 -1.78 11.53
C LYS B 195 -1.07 -2.37 10.55
N VAL B 196 -0.29 -3.33 11.06
CA VAL B 196 0.76 -3.99 10.32
C VAL B 196 1.03 -5.43 10.78
N VAL B 197 1.38 -6.28 9.83
CA VAL B 197 1.75 -7.65 10.11
C VAL B 197 3.23 -7.72 9.72
N TYR B 198 4.11 -8.05 10.68
CA TYR B 198 5.54 -8.09 10.40
C TYR B 198 5.98 -9.25 9.54
N ASN B 199 6.93 -8.99 8.66
CA ASN B 199 7.43 -9.97 7.71
C ASN B 199 6.41 -10.32 6.68
N ALA B 200 5.43 -9.44 6.51
CA ALA B 200 4.44 -9.66 5.48
C ALA B 200 4.40 -8.47 4.56
N THR B 201 3.77 -8.66 3.42
CA THR B 201 3.54 -7.58 2.50
C THR B 201 2.26 -6.92 3.08
N ASN B 202 2.29 -5.63 3.37
CA ASN B 202 1.04 -5.03 3.91
C ASN B 202 0.49 -4.08 2.90
N VAL B 203 -0.80 -4.23 2.59
CA VAL B 203 -1.55 -3.39 1.66
C VAL B 203 -2.77 -2.78 2.37
N TYR B 204 -3.10 -1.53 2.04
CA TYR B 204 -4.16 -0.79 2.70
C TYR B 204 -5.19 -0.19 1.75
N PHE B 205 -6.46 -0.37 2.09
CA PHE B 205 -7.56 0.17 1.30
C PHE B 205 -8.33 1.00 2.32
N ASN B 206 -8.03 2.29 2.39
CA ASN B 206 -8.65 3.11 3.41
C ASN B 206 -10.06 3.60 3.13
N ASN B 207 -10.65 3.14 2.04
CA ASN B 207 -11.99 3.54 1.72
C ASN B 207 -12.91 2.32 1.83
N MET B 208 -12.40 1.20 2.35
CA MET B 208 -13.22 0.02 2.45
C MET B 208 -13.64 -0.38 3.85
N THR B 209 -14.86 -0.90 3.98
CA THR B 209 -15.38 -1.35 5.27
C THR B 209 -15.06 -2.85 5.41
N HIS B 210 -15.33 -3.42 6.57
CA HIS B 210 -14.95 -4.79 6.90
C HIS B 210 -15.28 -5.97 5.93
N VAL B 211 -16.55 -6.18 5.65
CA VAL B 211 -16.91 -7.25 4.72
C VAL B 211 -16.55 -6.82 3.29
N GLN B 212 -16.79 -5.55 2.97
CA GLN B 212 -16.45 -5.08 1.62
C GLN B 212 -15.00 -5.43 1.23
N LEU B 213 -14.09 -5.23 2.15
CA LEU B 213 -12.66 -5.55 1.89
C LEU B 213 -12.54 -7.00 1.37
N CYS B 214 -13.31 -7.88 1.98
CA CYS B 214 -13.29 -9.28 1.64
C CYS B 214 -13.77 -9.62 0.25
N THR B 215 -14.83 -8.94 -0.18
CA THR B 215 -15.48 -9.23 -1.47
C THR B 215 -15.15 -8.27 -2.63
N SER B 216 -14.33 -7.29 -2.36
CA SER B 216 -14.00 -6.28 -3.36
C SER B 216 -13.20 -6.74 -4.59
N PRO B 217 -13.48 -6.13 -5.76
CA PRO B 217 -12.71 -6.53 -6.95
C PRO B 217 -11.24 -6.07 -6.76
N GLU B 218 -11.00 -5.02 -5.97
CA GLU B 218 -9.62 -4.56 -5.78
C GLU B 218 -8.83 -5.51 -4.88
N THR B 219 -9.48 -6.05 -3.87
CA THR B 219 -8.78 -6.98 -3.02
C THR B 219 -8.41 -8.17 -3.87
N PHE B 220 -9.34 -8.56 -4.74
CA PHE B 220 -9.11 -9.68 -5.61
C PHE B 220 -7.85 -9.48 -6.42
N ALA B 221 -7.69 -8.35 -7.07
CA ALA B 221 -6.48 -8.17 -7.89
C ALA B 221 -5.19 -8.30 -7.06
N VAL B 222 -5.19 -7.77 -5.85
CA VAL B 222 -4.03 -7.85 -5.04
C VAL B 222 -3.81 -9.29 -4.53
N MET B 223 -4.87 -10.06 -4.29
CA MET B 223 -4.64 -11.42 -3.84
C MET B 223 -4.11 -12.25 -5.02
N PHE B 224 -4.72 -12.08 -6.16
CA PHE B 224 -4.31 -12.85 -7.35
C PHE B 224 -2.84 -12.59 -7.73
N GLU B 225 -2.47 -11.32 -7.77
CA GLU B 225 -1.11 -10.90 -8.08
C GLU B 225 -0.09 -11.49 -7.08
N PHE B 226 -0.45 -11.49 -5.81
CA PHE B 226 0.42 -11.99 -4.78
C PHE B 226 0.62 -13.50 -4.90
N ILE B 227 -0.39 -14.25 -5.27
CA ILE B 227 -0.17 -15.67 -5.32
C ILE B 227 0.24 -16.23 -6.67
N ASN B 228 0.11 -15.44 -7.73
CA ASN B 228 0.46 -15.92 -9.08
C ASN B 228 1.64 -15.16 -9.68
N GLY B 229 1.85 -13.94 -9.24
CA GLY B 229 2.97 -13.15 -9.73
C GLY B 229 2.67 -12.24 -10.89
N TYR B 230 1.41 -12.01 -11.21
CA TYR B 230 1.06 -11.14 -12.31
C TYR B 230 -0.37 -10.69 -12.05
N LYS B 231 -0.73 -9.54 -12.59
CA LYS B 231 -2.08 -9.00 -12.42
C LYS B 231 -3.08 -9.86 -13.18
N PRO B 232 -4.29 -9.99 -12.64
CA PRO B 232 -5.30 -10.82 -13.33
C PRO B 232 -5.70 -10.01 -14.56
N ALA B 233 -6.20 -10.66 -15.60
CA ALA B 233 -6.60 -9.95 -16.82
C ALA B 233 -7.90 -9.13 -16.62
N THR B 234 -8.71 -9.56 -15.66
CA THR B 234 -9.94 -8.87 -15.40
C THR B 234 -10.29 -9.04 -13.94
N THR B 235 -11.14 -8.15 -13.43
CA THR B 235 -11.60 -8.37 -12.07
C THR B 235 -13.10 -8.48 -12.09
N ASP B 236 -13.69 -8.45 -13.30
CA ASP B 236 -15.13 -8.57 -13.44
C ASP B 236 -15.52 -10.05 -13.37
N ILE B 237 -16.78 -10.29 -13.01
CA ILE B 237 -17.32 -11.66 -12.98
C ILE B 237 -17.85 -11.76 -14.41
N VAL B 238 -17.04 -12.36 -15.26
CA VAL B 238 -17.30 -12.54 -16.70
C VAL B 238 -18.29 -13.66 -17.02
N PRO B 239 -19.40 -13.35 -17.78
CA PRO B 239 -20.39 -14.37 -18.17
C PRO B 239 -19.67 -15.49 -18.92
N GLN B 240 -19.89 -16.75 -18.56
CA GLN B 240 -19.22 -17.82 -19.31
C GLN B 240 -20.07 -18.10 -20.55
N ASP B 241 -19.55 -18.84 -21.51
CA ASP B 241 -20.36 -19.12 -22.72
C ASP B 241 -21.25 -20.34 -22.42
N GLY B 242 -22.29 -20.56 -23.21
CA GLY B 242 -23.12 -21.72 -22.95
C GLY B 242 -24.34 -21.28 -22.16
N ASP B 243 -25.47 -21.94 -22.39
CA ASP B 243 -26.73 -21.60 -21.75
C ASP B 243 -26.91 -21.93 -20.25
N TYR B 244 -26.14 -22.88 -19.77
CA TYR B 244 -26.27 -23.36 -18.40
C TYR B 244 -25.11 -23.08 -17.43
N VAL B 245 -25.40 -22.96 -16.14
CA VAL B 245 -24.30 -22.78 -15.19
C VAL B 245 -24.54 -23.86 -14.13
N LYS B 246 -23.49 -24.30 -13.47
CA LYS B 246 -23.61 -25.30 -12.44
C LYS B 246 -23.62 -24.52 -11.11
N VAL B 247 -24.58 -24.81 -10.22
CA VAL B 247 -24.65 -24.12 -8.95
C VAL B 247 -24.60 -25.07 -7.75
N LYS B 248 -23.60 -24.90 -6.89
CA LYS B 248 -23.53 -25.75 -5.69
C LYS B 248 -23.72 -24.82 -4.55
N GLY B 249 -24.69 -25.15 -3.73
CA GLY B 249 -24.91 -24.28 -2.60
C GLY B 249 -25.29 -25.04 -1.37
N LYS B 250 -25.67 -24.30 -0.36
CA LYS B 250 -26.06 -24.99 0.83
C LYS B 250 -26.92 -24.15 1.71
N PHE B 251 -27.91 -24.79 2.34
CA PHE B 251 -28.70 -24.11 3.39
C PHE B 251 -27.99 -24.45 4.69
N LEU B 252 -27.69 -23.44 5.49
CA LEU B 252 -26.99 -23.72 6.72
C LEU B 252 -27.40 -22.69 7.76
N ALA B 253 -27.07 -22.98 9.00
CA ALA B 253 -27.47 -22.09 10.06
C ALA B 253 -26.58 -20.84 10.19
N PHE B 254 -27.20 -19.67 10.25
CA PHE B 254 -26.43 -18.44 10.41
C PHE B 254 -25.49 -18.59 11.62
N ALA B 255 -24.23 -18.19 11.46
CA ALA B 255 -23.25 -18.21 12.52
C ALA B 255 -22.68 -19.55 12.97
N THR B 256 -23.52 -20.53 13.26
CA THR B 256 -22.98 -21.81 13.67
C THR B 256 -22.66 -22.68 12.45
N ASN B 257 -23.24 -22.33 11.31
CA ASN B 257 -23.01 -23.03 10.05
C ASN B 257 -23.34 -24.51 9.98
N GLY B 258 -24.27 -24.98 10.79
CA GLY B 258 -24.61 -26.40 10.65
C GLY B 258 -25.57 -26.64 9.46
N ASP B 259 -25.45 -27.81 8.82
CA ASP B 259 -26.38 -28.19 7.73
C ASP B 259 -27.85 -28.05 8.19
N VAL B 260 -28.72 -27.62 7.30
CA VAL B 260 -30.13 -27.48 7.66
C VAL B 260 -30.93 -28.41 6.74
N SER B 261 -31.93 -29.10 7.24
CA SER B 261 -32.74 -29.95 6.34
C SER B 261 -34.06 -29.24 5.99
N GLY B 262 -34.48 -29.40 4.72
CA GLY B 262 -35.70 -28.79 4.23
C GLY B 262 -36.03 -29.24 2.82
N TRP B 263 -36.85 -28.45 2.14
CA TRP B 263 -37.32 -28.77 0.81
C TRP B 263 -37.17 -27.55 -0.02
N LEU B 264 -36.53 -27.73 -1.17
CA LEU B 264 -36.22 -26.64 -2.04
C LEU B 264 -36.91 -26.77 -3.38
N SER B 265 -37.56 -25.66 -3.79
CA SER B 265 -38.26 -25.54 -5.07
C SER B 265 -37.70 -24.33 -5.79
N ILE B 266 -37.26 -24.53 -7.01
CA ILE B 266 -36.66 -23.46 -7.79
C ILE B 266 -37.56 -23.14 -8.98
N TYR B 267 -37.94 -21.87 -9.09
CA TYR B 267 -38.82 -21.40 -10.16
C TYR B 267 -38.22 -20.25 -10.97
N PRO B 268 -38.25 -20.37 -12.28
CA PRO B 268 -37.72 -19.27 -13.11
C PRO B 268 -38.87 -18.24 -12.99
N ILE B 269 -38.53 -16.95 -12.91
CA ILE B 269 -39.55 -15.95 -12.77
C ILE B 269 -39.42 -14.83 -13.77
N ASP B 270 -40.48 -14.02 -13.92
CA ASP B 270 -40.42 -12.90 -14.85
C ASP B 270 -39.95 -11.63 -14.12
N GLU B 271 -39.87 -10.53 -14.86
CA GLU B 271 -39.40 -9.26 -14.31
C GLU B 271 -40.19 -8.75 -13.12
N ASN B 272 -41.41 -9.25 -12.95
CA ASN B 272 -42.21 -8.85 -11.80
C ASN B 272 -42.25 -9.92 -10.73
N GLY B 273 -41.45 -10.97 -10.88
CA GLY B 273 -41.44 -11.99 -9.87
C GLY B 273 -42.44 -13.11 -10.05
N LYS B 274 -43.23 -13.03 -11.10
CA LYS B 274 -44.22 -14.07 -11.30
C LYS B 274 -43.57 -15.35 -11.79
N ARG B 275 -43.91 -16.47 -11.17
CA ARG B 275 -43.38 -17.76 -11.60
C ARG B 275 -43.75 -18.03 -13.07
N LEU B 276 -42.79 -18.52 -13.85
CA LEU B 276 -42.98 -18.80 -15.26
C LEU B 276 -43.40 -20.23 -15.59
N THR B 277 -43.10 -21.19 -14.71
CA THR B 277 -43.55 -22.57 -14.92
C THR B 277 -44.65 -22.86 -13.86
N ARG B 278 -45.47 -23.88 -14.08
CA ARG B 278 -46.50 -24.21 -13.07
C ARG B 278 -45.89 -25.15 -11.99
N LEU B 279 -44.90 -25.93 -12.40
CA LEU B 279 -44.18 -26.82 -11.51
C LEU B 279 -42.77 -26.23 -11.43
N PRO B 280 -42.09 -26.37 -10.29
CA PRO B 280 -40.74 -25.78 -10.24
C PRO B 280 -39.81 -26.50 -11.20
N VAL B 281 -38.75 -25.85 -11.69
CA VAL B 281 -37.86 -26.61 -12.58
C VAL B 281 -36.99 -27.58 -11.78
N LYS B 282 -36.79 -27.36 -10.49
CA LYS B 282 -36.00 -28.27 -9.67
C LYS B 282 -36.71 -28.40 -8.34
N PHE B 283 -36.81 -29.61 -7.86
CA PHE B 283 -37.47 -29.84 -6.59
C PHE B 283 -36.64 -30.90 -5.93
N MET B 284 -36.24 -30.66 -4.69
CA MET B 284 -35.41 -31.63 -4.00
C MET B 284 -35.40 -31.51 -2.47
N ARG B 285 -35.13 -32.67 -1.89
CA ARG B 285 -35.04 -32.77 -0.47
C ARG B 285 -33.64 -32.28 -0.20
N VAL B 286 -33.48 -31.30 0.68
CA VAL B 286 -32.12 -30.85 0.96
C VAL B 286 -31.65 -31.12 2.37
N LYS B 287 -30.43 -31.60 2.46
CA LYS B 287 -29.80 -31.80 3.75
C LYS B 287 -28.46 -31.09 3.59
N GLY B 288 -28.50 -29.78 3.78
CA GLY B 288 -27.31 -28.99 3.65
C GLY B 288 -26.92 -28.67 2.22
N ASP B 289 -25.95 -29.39 1.68
CA ASP B 289 -25.47 -29.11 0.33
C ASP B 289 -26.45 -29.60 -0.74
N PHE B 290 -26.44 -28.95 -1.89
CA PHE B 290 -27.29 -29.33 -3.03
C PHE B 290 -26.57 -28.83 -4.28
N GLU B 291 -26.83 -29.46 -5.41
CA GLU B 291 -26.21 -29.10 -6.67
C GLU B 291 -27.29 -29.06 -7.74
N VAL B 292 -27.32 -28.03 -8.55
CA VAL B 292 -28.31 -27.98 -9.60
C VAL B 292 -27.75 -27.31 -10.88
N ARG B 293 -28.34 -27.62 -12.01
CA ARG B 293 -27.87 -26.97 -13.21
C ARG B 293 -28.97 -25.93 -13.59
N LEU B 294 -28.63 -24.66 -13.71
CA LEU B 294 -29.65 -23.68 -14.09
C LEU B 294 -29.25 -22.85 -15.32
N ARG B 295 -30.21 -22.12 -15.84
CA ARG B 295 -29.94 -21.30 -17.01
C ARG B 295 -29.16 -20.04 -16.67
N LYS B 296 -28.12 -19.78 -17.44
CA LYS B 296 -27.33 -18.58 -17.22
C LYS B 296 -28.20 -17.37 -17.56
N GLY B 297 -28.08 -16.32 -16.73
CA GLY B 297 -28.78 -15.07 -16.94
C GLY B 297 -30.24 -15.06 -16.62
N GLN B 298 -30.77 -16.18 -16.12
CA GLN B 298 -32.19 -16.26 -15.83
C GLN B 298 -32.53 -15.92 -14.35
N LEU B 299 -33.61 -15.18 -14.12
CA LEU B 299 -34.04 -14.83 -12.78
C LEU B 299 -34.73 -16.03 -12.15
N TYR B 300 -34.38 -16.27 -10.91
CA TYR B 300 -34.96 -17.39 -10.22
C TYR B 300 -35.48 -17.08 -8.83
N GLU B 301 -36.48 -17.82 -8.42
CA GLU B 301 -36.99 -17.70 -7.08
C GLU B 301 -36.53 -19.02 -6.43
N PHE B 302 -35.89 -18.99 -5.27
CA PHE B 302 -35.50 -20.26 -4.56
C PHE B 302 -36.48 -20.45 -3.38
N GLN B 303 -37.46 -21.34 -3.47
CA GLN B 303 -38.41 -21.50 -2.38
C GLN B 303 -37.93 -22.57 -1.42
N PHE B 304 -37.96 -22.26 -0.11
CA PHE B 304 -37.50 -23.19 0.88
C PHE B 304 -38.40 -23.34 2.11
N ARG B 305 -38.63 -24.58 2.54
CA ARG B 305 -39.37 -24.78 3.77
C ARG B 305 -38.37 -25.59 4.61
N LYS B 306 -38.01 -25.14 5.81
CA LYS B 306 -37.11 -25.94 6.63
C LYS B 306 -37.92 -26.89 7.51
N ASP B 307 -37.34 -28.04 7.86
CA ASP B 307 -38.03 -29.02 8.70
C ASP B 307 -38.61 -28.43 9.97
N PHE B 308 -39.82 -28.88 10.31
CA PHE B 308 -40.49 -28.50 11.55
C PHE B 308 -41.08 -27.11 11.62
N SER B 309 -41.13 -26.41 10.49
CA SER B 309 -41.76 -25.10 10.49
C SER B 309 -42.64 -24.99 9.27
N PRO B 310 -43.81 -24.38 9.43
CA PRO B 310 -44.66 -24.27 8.23
C PRO B 310 -44.28 -23.08 7.38
N ILE B 311 -43.45 -22.19 7.90
CA ILE B 311 -43.05 -20.96 7.20
C ILE B 311 -42.35 -21.24 5.83
N ILE B 312 -42.79 -20.51 4.80
CA ILE B 312 -42.18 -20.65 3.47
C ILE B 312 -41.20 -19.49 3.18
N TYR B 313 -39.94 -19.82 2.96
CA TYR B 313 -38.95 -18.80 2.63
C TYR B 313 -38.78 -18.64 1.12
N HIS B 314 -38.56 -17.40 0.70
CA HIS B 314 -38.37 -17.09 -0.71
C HIS B 314 -37.09 -16.29 -0.82
N TYR B 315 -36.08 -16.88 -1.43
CA TYR B 315 -34.75 -16.27 -1.61
C TYR B 315 -34.68 -15.79 -3.06
N TYR B 316 -34.22 -14.58 -3.24
CA TYR B 316 -34.09 -13.92 -4.52
C TYR B 316 -32.67 -13.33 -4.58
N ARG B 317 -32.05 -13.37 -5.76
CA ARG B 317 -30.71 -12.75 -5.99
C ARG B 317 -30.62 -12.53 -7.48
N ALA B 318 -29.61 -11.81 -7.95
CA ALA B 318 -29.43 -11.56 -9.39
C ALA B 318 -29.15 -12.89 -10.10
N PRO B 319 -29.41 -12.96 -11.42
CA PRO B 319 -29.16 -14.25 -12.10
C PRO B 319 -27.70 -14.68 -11.99
N PHE B 320 -27.47 -15.98 -12.12
CA PHE B 320 -26.10 -16.48 -12.16
C PHE B 320 -25.54 -16.29 -13.58
N VAL B 321 -24.31 -15.80 -13.69
CA VAL B 321 -23.74 -15.64 -15.02
C VAL B 321 -22.62 -16.65 -15.24
N ARG B 322 -22.12 -17.26 -14.16
CA ARG B 322 -21.10 -18.28 -14.31
C ARG B 322 -21.39 -19.35 -13.29
N ASP B 323 -20.57 -20.39 -13.29
CA ASP B 323 -20.74 -21.44 -12.30
C ASP B 323 -20.57 -20.75 -10.95
N ASP B 324 -21.34 -21.16 -9.95
CA ASP B 324 -21.22 -20.56 -8.61
C ASP B 324 -21.23 -21.72 -7.66
N LEU B 325 -20.06 -22.19 -7.26
CA LEU B 325 -19.94 -23.36 -6.39
C LEU B 325 -19.96 -23.00 -4.91
N TRP B 326 -20.23 -21.73 -4.59
CA TRP B 326 -20.18 -21.29 -3.20
C TRP B 326 -21.43 -20.57 -2.66
N ALA B 327 -22.57 -20.75 -3.29
CA ALA B 327 -23.79 -20.10 -2.90
C ALA B 327 -24.30 -20.58 -1.52
N ARG B 328 -24.71 -19.65 -0.68
CA ARG B 328 -25.17 -20.00 0.67
C ARG B 328 -26.51 -19.35 0.90
N PHE B 329 -27.42 -20.14 1.45
CA PHE B 329 -28.77 -19.67 1.80
C PHE B 329 -28.84 -19.84 3.33
N LEU B 330 -28.80 -18.71 4.03
CA LEU B 330 -28.82 -18.71 5.47
C LEU B 330 -30.15 -19.00 6.13
N VAL B 331 -30.10 -19.82 7.16
CA VAL B 331 -31.30 -20.14 7.90
C VAL B 331 -31.12 -19.82 9.36
N SER B 332 -32.20 -19.44 10.00
CA SER B 332 -32.18 -19.10 11.41
C SER B 332 -32.38 -20.35 12.26
N LYS B 333 -31.48 -20.54 13.22
CA LYS B 333 -31.55 -21.68 14.15
C LYS B 333 -30.93 -21.38 15.53
N PRO B 334 -31.43 -22.06 16.57
CA PRO B 334 -30.83 -21.82 17.90
C PRO B 334 -29.38 -22.31 17.69
N PRO B 335 -28.42 -21.86 18.49
CA PRO B 335 -28.56 -20.95 19.63
C PRO B 335 -28.70 -19.49 19.27
N LEU B 336 -28.38 -19.11 18.03
CA LEU B 336 -28.49 -17.70 17.61
C LEU B 336 -29.65 -17.61 16.63
N ASP B 337 -30.86 -17.75 17.14
CA ASP B 337 -32.03 -17.76 16.31
C ASP B 337 -32.56 -16.32 16.08
N VAL B 338 -31.87 -15.56 15.24
CA VAL B 338 -32.26 -14.18 15.01
C VAL B 338 -33.64 -14.00 14.44
N GLU B 339 -34.14 -14.99 13.71
CA GLU B 339 -35.49 -14.89 13.15
C GLU B 339 -36.59 -14.73 14.26
N LEU B 340 -36.28 -15.11 15.51
CA LEU B 340 -37.25 -14.97 16.58
C LEU B 340 -37.64 -13.52 16.73
N LEU B 341 -36.74 -12.62 16.36
CA LEU B 341 -36.97 -11.21 16.54
C LEU B 341 -38.10 -10.57 15.74
N ILE B 342 -38.72 -11.28 14.81
CA ILE B 342 -39.83 -10.67 14.08
C ILE B 342 -41.12 -11.40 14.48
N LEU B 343 -40.98 -12.40 15.35
CA LEU B 343 -42.12 -13.21 15.78
C LEU B 343 -43.32 -12.48 16.30
N PRO B 344 -43.12 -11.55 17.25
CA PRO B 344 -44.33 -10.87 17.74
C PRO B 344 -45.16 -10.40 16.55
N GLU B 345 -44.55 -9.63 15.68
CA GLU B 345 -45.26 -9.12 14.52
C GLU B 345 -45.78 -10.18 13.56
N ARG B 346 -45.01 -11.25 13.36
CA ARG B 346 -45.43 -12.33 12.43
C ARG B 346 -46.71 -13.03 12.87
N LEU B 347 -46.95 -13.07 14.17
CA LEU B 347 -48.12 -13.73 14.74
C LEU B 347 -49.37 -12.92 14.88
N SER B 348 -49.36 -11.66 14.48
CA SER B 348 -50.58 -10.90 14.67
C SER B 348 -51.44 -10.75 13.42
N PRO B 349 -52.75 -10.47 13.60
CA PRO B 349 -53.64 -10.30 12.44
C PRO B 349 -53.11 -9.43 11.33
N ALA B 350 -52.41 -8.37 11.68
CA ALA B 350 -51.89 -7.46 10.66
C ALA B 350 -50.85 -8.14 9.81
N ALA B 351 -50.32 -9.25 10.30
CA ALA B 351 -49.27 -10.00 9.59
C ALA B 351 -49.80 -10.46 8.24
N LYS B 352 -51.11 -10.56 8.12
CA LYS B 352 -51.70 -10.99 6.86
C LYS B 352 -51.68 -9.85 5.84
N GLU B 353 -51.58 -8.62 6.31
CA GLU B 353 -51.63 -7.50 5.39
C GLU B 353 -50.25 -6.94 4.97
N THR B 354 -49.14 -7.41 5.54
CA THR B 354 -47.84 -6.84 5.18
C THR B 354 -46.77 -7.89 4.95
N SER B 355 -45.68 -7.50 4.32
CA SER B 355 -44.57 -8.40 4.03
C SER B 355 -43.42 -8.16 4.99
N GLY B 356 -42.50 -9.12 5.05
CA GLY B 356 -41.35 -9.02 5.94
C GLY B 356 -40.19 -9.49 5.12
N LEU B 357 -39.23 -8.60 4.87
CA LEU B 357 -38.07 -8.94 4.09
C LEU B 357 -36.78 -8.80 4.83
N LEU B 358 -35.77 -9.51 4.36
CA LEU B 358 -34.44 -9.39 4.93
C LEU B 358 -33.59 -9.02 3.69
N LEU B 359 -32.85 -7.91 3.76
CA LEU B 359 -32.02 -7.50 2.63
C LEU B 359 -30.61 -7.83 3.01
N ILE B 360 -29.93 -8.59 2.16
CA ILE B 360 -28.54 -8.98 2.42
C ILE B 360 -27.54 -8.51 1.37
N ARG B 361 -26.42 -7.92 1.81
CA ARG B 361 -25.33 -7.53 0.90
C ARG B 361 -24.02 -7.71 1.64
N TYR B 362 -23.11 -8.49 1.06
CA TYR B 362 -21.80 -8.67 1.71
C TYR B 362 -20.87 -7.50 1.33
N LYS B 363 -21.29 -6.32 1.75
CA LYS B 363 -20.59 -5.09 1.54
C LYS B 363 -21.50 -4.16 2.31
N GLU B 364 -21.00 -3.65 3.44
CA GLU B 364 -21.76 -2.84 4.33
C GLU B 364 -22.70 -1.80 3.65
N MET B 365 -23.93 -1.72 4.12
CA MET B 365 -24.89 -0.73 3.58
C MET B 365 -24.75 0.44 4.52
N ILE B 366 -24.19 1.52 4.01
CA ILE B 366 -23.91 2.70 4.82
C ILE B 366 -24.85 3.87 4.53
N GLY B 367 -25.51 4.38 5.57
CA GLY B 367 -26.42 5.51 5.38
C GLY B 367 -25.85 6.81 5.95
N GLU B 368 -24.80 6.68 6.74
CA GLU B 368 -24.13 7.80 7.38
C GLU B 368 -22.94 8.22 6.52
N TYR B 369 -22.92 9.49 6.11
CA TYR B 369 -21.85 9.98 5.24
C TYR B 369 -20.51 10.23 5.91
N ASP B 370 -19.44 9.81 5.22
CA ASP B 370 -18.07 9.99 5.68
C ASP B 370 -17.07 10.07 4.51
N GLU B 371 -16.16 11.04 4.58
CA GLU B 371 -15.13 11.27 3.55
C GLU B 371 -14.43 10.02 3.06
N GLU B 372 -13.73 9.39 4.01
CA GLU B 372 -12.95 8.18 3.77
C GLU B 372 -13.65 7.12 2.93
N ILE B 373 -14.72 6.59 3.49
CA ILE B 373 -15.52 5.56 2.85
C ILE B 373 -16.06 6.03 1.50
N GLY B 374 -16.20 7.34 1.33
CA GLY B 374 -16.66 7.82 0.05
C GLY B 374 -18.06 8.38 0.00
N GLY B 375 -19.08 7.51 -0.01
CA GLY B 375 -20.44 8.00 -0.05
C GLY B 375 -21.41 7.17 0.77
N VAL B 376 -22.70 7.24 0.45
CA VAL B 376 -23.70 6.46 1.17
C VAL B 376 -24.46 5.60 0.15
N ASP B 377 -25.00 4.48 0.59
CA ASP B 377 -25.81 3.62 -0.28
C ASP B 377 -27.24 4.15 -0.09
N GLU B 378 -28.12 3.84 -1.02
CA GLU B 378 -29.52 4.20 -0.90
C GLU B 378 -30.26 2.87 -1.20
N VAL B 379 -31.18 2.46 -0.34
CA VAL B 379 -31.91 1.20 -0.51
C VAL B 379 -33.40 1.52 -0.46
N TYR B 380 -34.05 1.50 -1.61
CA TYR B 380 -35.45 1.84 -1.74
C TYR B 380 -36.34 0.62 -1.83
N VAL B 381 -37.30 0.59 -0.91
CA VAL B 381 -38.27 -0.49 -0.84
C VAL B 381 -39.61 0.25 -1.11
N ASN B 382 -40.23 -0.01 -2.24
CA ASN B 382 -41.47 0.68 -2.59
C ASN B 382 -41.27 2.22 -2.51
N GLY B 383 -40.11 2.68 -2.91
CA GLY B 383 -39.91 4.12 -2.94
C GLY B 383 -39.32 4.76 -1.69
N VAL B 384 -39.31 4.05 -0.58
CA VAL B 384 -38.79 4.62 0.65
C VAL B 384 -37.37 4.17 0.95
N ASN B 385 -36.47 5.12 1.19
CA ASN B 385 -35.07 4.78 1.47
C ASN B 385 -34.96 4.26 2.92
N VAL B 386 -34.63 2.97 3.09
CA VAL B 386 -34.51 2.48 4.46
C VAL B 386 -33.04 2.46 4.91
N CYS B 387 -32.12 2.98 4.07
CA CYS B 387 -30.72 3.01 4.46
C CYS B 387 -30.47 4.42 4.95
N THR B 388 -30.98 4.75 6.13
CA THR B 388 -30.81 6.09 6.65
C THR B 388 -29.57 6.18 7.55
N GLU B 389 -29.29 7.40 7.98
CA GLU B 389 -28.14 7.65 8.82
C GLU B 389 -28.30 6.99 10.19
N ARG B 390 -29.54 6.82 10.62
CA ARG B 390 -29.81 6.22 11.92
C ARG B 390 -29.89 4.70 11.88
N ILE B 391 -30.46 4.18 10.79
CA ILE B 391 -30.64 2.75 10.65
C ILE B 391 -29.36 2.05 10.19
N CYS B 392 -28.61 2.69 9.32
CA CYS B 392 -27.37 2.12 8.81
C CYS B 392 -26.15 2.96 9.14
N PRO B 393 -25.89 3.25 10.42
CA PRO B 393 -24.68 4.05 10.70
C PRO B 393 -23.43 3.20 10.41
N ILE B 394 -22.32 3.87 10.17
CA ILE B 394 -21.05 3.19 9.89
C ILE B 394 -20.67 2.16 10.93
N GLU B 395 -20.74 2.54 12.19
CA GLU B 395 -20.38 1.62 13.26
C GLU B 395 -21.14 0.30 13.22
N ARG B 396 -22.40 0.32 12.77
CA ARG B 396 -23.23 -0.88 12.68
C ARG B 396 -22.78 -1.94 11.62
N ALA B 397 -22.07 -1.52 10.59
CA ALA B 397 -21.58 -2.45 9.57
C ALA B 397 -22.70 -3.43 9.10
N VAL B 398 -23.80 -2.82 8.65
CA VAL B 398 -24.97 -3.55 8.23
C VAL B 398 -24.80 -4.27 6.92
N ASN B 399 -24.94 -5.60 6.99
CA ASN B 399 -24.87 -6.57 5.87
C ASN B 399 -26.29 -7.22 5.78
N GLY B 400 -27.05 -7.18 6.89
CA GLY B 400 -28.39 -7.75 6.95
C GLY B 400 -29.38 -6.68 7.45
N LEU B 401 -30.32 -6.29 6.60
CA LEU B 401 -31.30 -5.25 6.98
C LEU B 401 -32.74 -5.82 6.98
N TRP B 402 -33.34 -5.97 8.15
CA TRP B 402 -34.67 -6.49 8.25
C TRP B 402 -35.71 -5.34 8.03
N VAL B 403 -36.68 -5.57 7.13
CA VAL B 403 -37.72 -4.58 6.83
C VAL B 403 -39.07 -5.21 7.13
N PHE B 404 -39.78 -4.66 8.09
CA PHE B 404 -41.11 -5.17 8.44
C PHE B 404 -41.81 -4.11 9.31
N ASP B 405 -43.10 -4.29 9.53
CA ASP B 405 -43.90 -3.37 10.34
C ASP B 405 -43.68 -3.58 11.82
N ARG B 406 -42.68 -2.92 12.39
CA ARG B 406 -42.41 -3.04 13.81
C ARG B 406 -43.68 -2.68 14.58
N GLY B 407 -44.11 -3.58 15.46
CA GLY B 407 -45.29 -3.28 16.28
C GLY B 407 -46.60 -3.59 15.57
N ALA B 408 -46.52 -4.09 14.34
CA ALA B 408 -47.73 -4.44 13.57
C ALA B 408 -48.83 -3.38 13.76
N ASP B 409 -48.46 -2.11 13.68
CA ASP B 409 -49.45 -1.04 13.90
C ASP B 409 -49.86 -0.32 12.63
N GLY B 410 -49.34 -0.77 11.48
CA GLY B 410 -49.67 -0.12 10.22
C GLY B 410 -49.00 1.26 10.12
N LYS B 411 -47.98 1.50 10.94
CA LYS B 411 -47.30 2.78 10.87
C LYS B 411 -45.82 2.64 10.54
N SER B 412 -45.34 3.32 9.51
CA SER B 412 -43.92 3.26 9.20
C SER B 412 -43.18 4.31 10.03
N ASP B 413 -42.74 3.96 11.23
CA ASP B 413 -42.00 4.93 12.05
C ASP B 413 -40.52 4.69 11.81
N LEU B 414 -40.03 5.09 10.66
CA LEU B 414 -38.63 4.92 10.27
C LEU B 414 -37.61 5.54 11.21
N ASP B 415 -37.93 6.71 11.73
CA ASP B 415 -37.04 7.45 12.61
C ASP B 415 -36.92 6.84 13.98
N ARG B 416 -37.80 5.92 14.31
CA ARG B 416 -37.77 5.27 15.62
C ARG B 416 -37.10 3.91 15.45
N GLU B 417 -35.88 3.83 15.98
CA GLU B 417 -35.04 2.66 15.93
C GLU B 417 -35.73 1.35 16.33
N VAL B 418 -35.40 0.26 15.64
CA VAL B 418 -35.96 -1.04 16.00
C VAL B 418 -34.90 -1.67 16.92
N VAL B 419 -35.02 -1.26 18.16
CA VAL B 419 -34.17 -1.62 19.26
C VAL B 419 -33.68 -3.07 19.33
N ARG B 420 -34.59 -4.04 19.26
CA ARG B 420 -34.20 -5.44 19.36
C ARG B 420 -33.01 -5.86 18.50
N TYR B 421 -32.71 -5.14 17.42
CA TYR B 421 -31.56 -5.57 16.58
C TYR B 421 -30.20 -4.92 16.81
N SER B 422 -30.13 -3.91 17.66
CA SER B 422 -28.85 -3.25 17.87
C SER B 422 -27.77 -4.13 18.48
N ILE B 423 -28.12 -5.17 19.23
CA ILE B 423 -27.10 -6.04 19.79
C ILE B 423 -26.74 -7.19 18.86
N MET B 424 -27.44 -7.32 17.74
CA MET B 424 -27.13 -8.39 16.81
C MET B 424 -26.02 -7.94 15.87
N PRO B 425 -25.02 -8.81 15.66
CA PRO B 425 -23.92 -8.42 14.77
C PRO B 425 -24.24 -8.25 13.28
N PHE B 426 -23.74 -7.18 12.66
CA PHE B 426 -23.92 -6.94 11.23
C PHE B 426 -25.37 -6.75 10.76
N MET B 427 -26.27 -6.54 11.70
CA MET B 427 -27.66 -6.36 11.36
C MET B 427 -28.32 -5.04 11.76
N SER B 428 -29.43 -4.77 11.10
CA SER B 428 -30.23 -3.63 11.48
C SER B 428 -31.69 -3.85 10.97
N ALA B 429 -32.60 -2.99 11.39
CA ALA B 429 -33.98 -3.14 11.00
C ALA B 429 -34.61 -1.77 10.70
N ALA B 430 -35.61 -1.79 9.84
CA ALA B 430 -36.32 -0.54 9.48
C ALA B 430 -37.80 -0.83 9.59
N ASP B 431 -38.50 -0.01 10.35
CA ASP B 431 -39.95 -0.13 10.54
C ASP B 431 -40.62 0.47 9.30
N LEU B 432 -41.02 -0.36 8.35
CA LEU B 432 -41.64 0.14 7.13
C LEU B 432 -42.80 -0.79 6.83
N VAL B 433 -43.97 -0.19 6.53
CA VAL B 433 -45.15 -1.00 6.20
C VAL B 433 -45.00 -1.30 4.72
N VAL B 434 -45.02 -2.56 4.35
CA VAL B 434 -44.89 -2.97 2.97
C VAL B 434 -46.16 -3.78 2.70
N PRO B 435 -47.16 -3.17 2.03
CA PRO B 435 -48.40 -3.87 1.77
C PRO B 435 -48.20 -5.22 1.12
N ALA B 436 -48.93 -6.21 1.58
CA ALA B 436 -48.86 -7.56 1.04
C ALA B 436 -49.84 -7.78 -0.14
N GLU B 437 -49.83 -6.87 -1.10
CA GLU B 437 -50.68 -6.97 -2.29
C GLU B 437 -49.73 -6.57 -3.41
N GLY B 438 -49.85 -7.25 -4.53
CA GLY B 438 -49.02 -6.91 -5.65
C GLY B 438 -47.60 -7.45 -5.56
N THR B 439 -46.68 -6.54 -5.77
CA THR B 439 -45.29 -6.83 -5.78
C THR B 439 -44.60 -5.80 -4.90
N ILE B 440 -43.31 -5.98 -4.72
CA ILE B 440 -42.53 -5.08 -3.92
C ILE B 440 -41.40 -4.69 -4.82
N SER B 441 -41.10 -3.40 -4.90
CA SER B 441 -39.96 -3.05 -5.74
C SER B 441 -38.82 -2.75 -4.79
N ILE B 442 -37.63 -3.21 -5.15
CA ILE B 442 -36.47 -2.97 -4.30
C ILE B 442 -35.34 -2.49 -5.16
N ALA B 443 -34.92 -1.27 -4.91
CA ALA B 443 -33.86 -0.67 -5.69
C ALA B 443 -32.66 -0.29 -4.83
N VAL B 444 -31.46 -0.63 -5.28
CA VAL B 444 -30.33 -0.20 -4.49
C VAL B 444 -29.36 0.66 -5.34
N LYS B 445 -28.89 1.75 -4.76
CA LYS B 445 -27.94 2.64 -5.41
C LYS B 445 -26.67 2.57 -4.56
N SER B 446 -25.67 1.87 -5.07
CA SER B 446 -24.41 1.65 -4.38
C SER B 446 -23.51 2.84 -4.24
N ARG B 447 -22.88 2.93 -3.08
CA ARG B 447 -21.95 4.02 -2.79
C ARG B 447 -20.72 3.96 -3.70
N THR B 448 -20.44 2.82 -4.29
CA THR B 448 -19.31 2.80 -5.18
C THR B 448 -19.83 3.00 -6.59
N GLY B 449 -21.15 3.11 -6.74
CA GLY B 449 -21.73 3.37 -8.06
C GLY B 449 -22.56 2.23 -8.64
N GLY B 450 -23.42 2.55 -9.58
CA GLY B 450 -24.24 1.49 -10.15
C GLY B 450 -25.47 1.15 -9.32
N GLU B 451 -26.42 0.48 -9.95
CA GLU B 451 -27.63 0.14 -9.25
C GLU B 451 -28.16 -1.18 -9.66
N GLU B 452 -29.05 -1.70 -8.84
CA GLU B 452 -29.63 -2.98 -9.09
C GLU B 452 -31.03 -2.93 -8.52
N SER B 453 -31.99 -3.53 -9.19
CA SER B 453 -33.36 -3.53 -8.73
C SER B 453 -34.04 -4.87 -8.84
N PHE B 454 -35.08 -5.04 -8.02
CA PHE B 454 -35.83 -6.27 -8.01
C PHE B 454 -37.29 -5.95 -7.87
N THR B 455 -38.11 -6.81 -8.45
CA THR B 455 -39.53 -6.74 -8.30
C THR B 455 -39.96 -8.14 -7.96
N ILE B 456 -40.53 -8.28 -6.79
CA ILE B 456 -40.95 -9.60 -6.36
C ILE B 456 -42.35 -9.56 -5.81
N PRO B 457 -42.98 -10.73 -5.69
CA PRO B 457 -44.34 -10.76 -5.15
C PRO B 457 -44.35 -10.32 -3.68
N ALA B 458 -45.41 -9.65 -3.26
CA ALA B 458 -45.50 -9.20 -1.89
C ALA B 458 -46.05 -10.33 -0.99
N TRP B 459 -45.28 -11.39 -0.76
CA TRP B 459 -45.72 -12.50 0.08
C TRP B 459 -46.09 -11.96 1.48
N SER B 460 -47.20 -12.42 2.04
CA SER B 460 -47.58 -11.91 3.36
C SER B 460 -46.76 -12.60 4.48
N ALA B 461 -46.48 -11.82 5.50
CA ALA B 461 -45.64 -12.21 6.61
C ALA B 461 -46.16 -13.26 7.56
N ASP B 462 -47.48 -13.46 7.62
CA ASP B 462 -48.04 -14.49 8.51
C ASP B 462 -47.58 -15.89 8.07
N ARG B 463 -47.14 -16.03 6.82
CA ARG B 463 -46.73 -17.32 6.35
C ARG B 463 -45.47 -17.38 5.49
N HIS B 464 -44.93 -16.22 5.13
CA HIS B 464 -43.77 -16.21 4.27
C HIS B 464 -42.70 -15.25 4.73
N SER B 465 -41.45 -15.53 4.40
CA SER B 465 -40.30 -14.67 4.70
C SER B 465 -39.59 -14.52 3.40
N ILE B 466 -39.21 -13.29 3.11
CA ILE B 466 -38.57 -12.92 1.86
C ILE B 466 -37.12 -12.49 2.13
N ILE B 467 -36.19 -13.05 1.37
CA ILE B 467 -34.83 -12.70 1.52
C ILE B 467 -34.32 -12.28 0.16
N VAL B 468 -33.73 -11.10 0.13
CA VAL B 468 -33.22 -10.57 -1.07
C VAL B 468 -31.75 -10.25 -0.87
N GLN B 469 -30.93 -10.87 -1.70
CA GLN B 469 -29.46 -10.68 -1.63
C GLN B 469 -28.98 -9.84 -2.77
N PHE B 470 -28.45 -8.67 -2.46
CA PHE B 470 -27.92 -7.81 -3.52
C PHE B 470 -26.52 -8.27 -3.79
N SER B 471 -26.06 -7.99 -5.01
CA SER B 471 -24.71 -8.36 -5.40
C SER B 471 -23.73 -7.51 -4.63
N ASP B 472 -22.61 -8.07 -4.22
CA ASP B 472 -21.66 -7.26 -3.48
C ASP B 472 -20.84 -6.39 -4.44
N TYR B 473 -21.05 -6.52 -5.76
CA TYR B 473 -20.37 -5.58 -6.62
C TYR B 473 -21.03 -5.32 -7.95
N ILE B 474 -21.38 -4.05 -8.19
CA ILE B 474 -21.98 -3.65 -9.45
C ILE B 474 -20.97 -2.91 -10.36
N VAL B 475 -20.59 -3.55 -11.46
CA VAL B 475 -19.63 -2.94 -12.38
C VAL B 475 -20.12 -1.65 -13.08
C1 STE C . 20.59 3.63 -7.76
O1 STE C . 20.79 3.47 -6.55
O2 STE C . 20.83 2.70 -8.55
C2 STE C . 20.04 5.03 -8.19
C3 STE C . 20.44 6.16 -7.17
C4 STE C . 19.54 7.42 -7.25
C5 STE C . 20.21 8.71 -6.67
C6 STE C . 20.31 9.85 -7.73
C7 STE C . 21.12 11.10 -7.24
C8 STE C . 20.64 12.43 -7.88
C9 STE C . 21.70 13.07 -8.76
C10 STE C . 21.57 14.59 -8.76
C11 STE C . 22.04 15.24 -10.08
C12 STE C . 23.19 16.19 -9.86
C13 STE C . 24.29 16.07 -10.92
C14 STE C . 25.30 17.20 -10.81
C15 STE C . 26.73 16.81 -11.21
C16 STE C . 27.75 17.76 -10.55
C17 STE C . 28.45 18.64 -11.57
C18 STE C . 28.71 20.02 -11.04
CA CA D . 19.88 28.71 -27.27
C1 STE E . -35.18 -15.08 7.09
C2 STE E . -34.46 -16.23 7.83
C3 STE E . -32.96 -16.24 7.55
C4 STE E . -32.14 -15.53 8.64
C5 STE E . -30.63 -15.63 8.38
C6 STE E . -29.83 -14.48 9.02
C7 STE E . -29.23 -13.56 7.97
C8 STE E . -28.34 -12.48 8.57
C9 STE E . -27.61 -11.72 7.45
C10 STE E . -26.28 -11.11 7.89
C11 STE E . -25.09 -11.94 7.41
C12 STE E . -23.82 -11.11 7.18
C13 STE E . -22.57 -11.75 7.76
C14 STE E . -21.52 -10.71 8.06
C15 STE E . -20.20 -11.10 7.44
C16 STE E . -19.30 -11.78 8.47
C17 STE E . -17.96 -11.08 8.65
C18 STE E . -16.98 -11.89 9.49
CA CA F . -44.65 0.14 12.76
#